data_9BG7
#
_entry.id   9BG7
#
_cell.length_a   47.683
_cell.length_b   101.920
_cell.length_c   66.731
_cell.angle_alpha   90.000
_cell.angle_beta   90.810
_cell.angle_gamma   90.000
#
_symmetry.space_group_name_H-M   'P 1 21 1'
#
loop_
_entity.id
_entity.type
_entity.pdbx_description
1 polymer 'Isoform 2B of GTPase KRas'
2 polymer 'Peptidyl-prolyl cis-trans isomerase A'
3 non-polymer 'PHOSPHOAMINOPHOSPHONIC ACID-GUANYLATE ESTER'
4 non-polymer 'MAGNESIUM ION'
5 non-polymer 'N-[(2R)-1-{[(1P,7S,9S,13R,20M)-21-ethyl-20-{2-[(1S)-1-methoxyethyl]pyridin-3-yl}-17,17-dimethyl-8,14-dioxo-15-oxa-4-thia-9,21,27,28-tetraazapentacyclo[17.5.2.1~2,5~.1~9,13~.0~22,26~]octacosa-1(24),2,5(28),19,22,25-hexaen-7-yl]amino}-3-methyl-1-oxobutan-2-yl]-3-methoxy-N-methylazetidine-1-carboxamide (non-preferred name)'
6 water water
#
loop_
_entity_poly.entity_id
_entity_poly.type
_entity_poly.pdbx_seq_one_letter_code
_entity_poly.pdbx_strand_id
1 'polypeptide(L)'
;SMTEYKLVVVGAVGVGKSALTIQLIQNHFVDEYDPTIEDSYRKQVVIDGETSLLDILDTAGQEEYSAMRDQYMRTGEGFL
LVFAINNTKSFEDIHHYREQIKRVKDSEDVPMVLVGNKSDLPSRTVDTKQAQDLARSYGIPFIETSAKTRQGVDDAFYTL
VREIRKHKEK
;
A,B
2 'polypeptide(L)'
;SMVNPTVFFDIAVDGEPLGRVSFELFADKVPKTAENFRALSTGEKGFGYKGSCFHRIIPGFMCQGGDFTRHNGTGGKSIY
GEKFEDENFILKHTGPGILSMANAGPNTNGSQFFICTAKTEWLDGKHVVFGKVKEGMNIVEAMERFGSRNGKTSKKITIA
DCGQLE
;
D,C
#
# COMPACT_ATOMS: atom_id res chain seq x y z
N SER A 1 23.94 7.85 -8.71
CA SER A 1 22.97 8.92 -8.50
C SER A 1 21.64 8.36 -8.00
N MET A 2 20.86 9.19 -7.30
CA MET A 2 19.53 8.78 -6.86
C MET A 2 18.55 9.93 -7.03
N THR A 3 17.43 9.66 -7.70
CA THR A 3 16.37 10.65 -7.90
C THR A 3 15.03 9.96 -7.67
N GLU A 4 13.96 10.76 -7.70
CA GLU A 4 12.60 10.26 -7.49
C GLU A 4 11.63 11.03 -8.37
N TYR A 5 10.63 10.33 -8.95
CA TYR A 5 9.67 10.95 -9.85
C TYR A 5 8.25 10.51 -9.53
N LYS A 6 7.33 11.48 -9.58
N LYS A 6 7.33 11.47 -9.56
CA LYS A 6 5.91 11.22 -9.41
CA LYS A 6 5.91 11.21 -9.39
C LYS A 6 5.28 11.09 -10.78
C LYS A 6 5.28 11.08 -10.78
N LEU A 7 4.94 9.86 -11.16
CA LEU A 7 4.33 9.58 -12.45
C LEU A 7 2.85 9.31 -12.24
N VAL A 8 2.02 9.79 -13.15
CA VAL A 8 0.57 9.64 -13.06
C VAL A 8 0.08 9.00 -14.35
N VAL A 9 -0.69 7.92 -14.22
CA VAL A 9 -1.25 7.18 -15.34
C VAL A 9 -2.73 7.55 -15.48
N VAL A 10 -3.11 8.09 -16.65
CA VAL A 10 -4.46 8.55 -16.91
C VAL A 10 -4.94 7.97 -18.24
N GLY A 11 -6.25 8.04 -18.45
CA GLY A 11 -6.86 7.52 -19.66
C GLY A 11 -8.20 6.90 -19.35
N ALA A 12 -8.99 6.62 -20.39
CA ALA A 12 -10.36 6.19 -20.21
C ALA A 12 -10.42 4.83 -19.51
N VAL A 13 -11.61 4.52 -18.99
CA VAL A 13 -11.80 3.26 -18.29
CA VAL A 13 -11.80 3.26 -18.29
C VAL A 13 -11.51 2.08 -19.22
N GLY A 14 -10.78 1.10 -18.71
CA GLY A 14 -10.57 -0.14 -19.41
C GLY A 14 -9.42 -0.17 -20.39
N VAL A 15 -8.66 0.92 -20.54
CA VAL A 15 -7.62 0.95 -21.56
C VAL A 15 -6.36 0.21 -21.16
N GLY A 16 -6.19 -0.13 -19.88
CA GLY A 16 -5.04 -0.86 -19.41
C GLY A 16 -4.11 -0.09 -18.48
N LYS A 17 -4.57 0.98 -17.84
CA LYS A 17 -3.71 1.73 -16.95
C LYS A 17 -3.16 0.84 -15.84
N SER A 18 -4.03 0.10 -15.17
CA SER A 18 -3.58 -0.74 -14.07
C SER A 18 -2.74 -1.92 -14.56
N ALA A 19 -3.15 -2.52 -15.68
CA ALA A 19 -2.40 -3.66 -16.19
C ALA A 19 -0.97 -3.26 -16.57
N LEU A 20 -0.81 -2.06 -17.15
CA LEU A 20 0.51 -1.54 -17.45
C LEU A 20 1.31 -1.32 -16.17
N THR A 21 0.69 -0.70 -15.17
CA THR A 21 1.38 -0.44 -13.91
C THR A 21 1.79 -1.74 -13.22
N ILE A 22 0.88 -2.71 -13.16
CA ILE A 22 1.19 -3.95 -12.47
C ILE A 22 2.27 -4.75 -13.21
N GLN A 23 2.33 -4.62 -14.54
CA GLN A 23 3.43 -5.25 -15.27
C GLN A 23 4.77 -4.62 -14.91
N LEU A 24 4.81 -3.29 -14.80
CA LEU A 24 6.03 -2.62 -14.41
C LEU A 24 6.41 -2.96 -12.97
N ILE A 25 5.44 -2.99 -12.07
CA ILE A 25 5.74 -3.12 -10.64
C ILE A 25 5.95 -4.58 -10.28
N GLN A 26 5.06 -5.46 -10.73
CA GLN A 26 5.03 -6.85 -10.28
C GLN A 26 5.32 -7.88 -11.37
N ASN A 27 5.51 -7.45 -12.62
CA ASN A 27 5.96 -8.33 -13.71
C ASN A 27 4.98 -9.48 -13.99
N HIS A 28 3.69 -9.21 -13.90
CA HIS A 28 2.71 -10.22 -14.30
C HIS A 28 1.49 -9.53 -14.90
N PHE A 29 0.69 -10.33 -15.61
CA PHE A 29 -0.54 -9.88 -16.25
C PHE A 29 -1.63 -10.91 -16.00
N VAL A 30 -2.83 -10.44 -15.69
CA VAL A 30 -4.02 -11.28 -15.58
C VAL A 30 -5.13 -10.65 -16.39
N ASP A 31 -5.96 -11.51 -17.01
CA ASP A 31 -7.12 -11.05 -17.76
C ASP A 31 -8.19 -10.43 -16.88
N GLU A 32 -8.19 -10.75 -15.59
CA GLU A 32 -9.24 -10.26 -14.71
C GLU A 32 -9.18 -8.75 -14.57
N TYR A 33 -10.35 -8.12 -14.63
CA TYR A 33 -10.48 -6.67 -14.53
C TYR A 33 -10.87 -6.29 -13.11
N ASP A 34 -10.00 -5.57 -12.42
CA ASP A 34 -10.30 -5.02 -11.11
C ASP A 34 -10.40 -3.49 -11.23
N PRO A 35 -11.61 -2.91 -11.29
CA PRO A 35 -11.73 -1.47 -11.54
C PRO A 35 -11.07 -0.65 -10.44
N THR A 36 -10.34 0.38 -10.85
CA THR A 36 -9.54 1.18 -9.93
C THR A 36 -10.38 2.30 -9.29
N ILE A 37 -10.16 2.51 -8.00
CA ILE A 37 -10.55 3.75 -7.36
C ILE A 37 -9.31 4.66 -7.34
N GLU A 38 -8.25 4.20 -6.69
CA GLU A 38 -6.96 4.86 -6.70
C GLU A 38 -5.91 3.95 -6.08
N ASP A 39 -4.75 3.82 -6.74
CA ASP A 39 -3.67 3.02 -6.16
C ASP A 39 -2.34 3.72 -6.36
N SER A 40 -1.43 3.49 -5.44
CA SER A 40 -0.12 4.11 -5.48
C SER A 40 0.95 3.04 -5.30
N TYR A 41 2.02 3.12 -6.09
CA TYR A 41 3.08 2.14 -6.05
C TYR A 41 4.44 2.85 -6.02
N ARG A 42 5.43 2.17 -5.45
CA ARG A 42 6.82 2.64 -5.40
C ARG A 42 7.72 1.53 -5.90
N LYS A 43 8.62 1.85 -6.83
CA LYS A 43 9.59 0.88 -7.32
C LYS A 43 10.92 1.57 -7.60
N GLN A 44 12.01 0.93 -7.17
CA GLN A 44 13.35 1.40 -7.49
C GLN A 44 13.79 0.77 -8.81
N VAL A 45 14.27 1.61 -9.72
CA VAL A 45 14.71 1.19 -11.05
C VAL A 45 16.05 1.84 -11.35
N VAL A 46 16.72 1.32 -12.39
CA VAL A 46 17.91 1.96 -12.95
C VAL A 46 17.62 2.24 -14.42
N ILE A 47 17.66 3.51 -14.80
CA ILE A 47 17.38 3.93 -16.16
C ILE A 47 18.60 4.67 -16.69
N ASP A 48 19.19 4.16 -17.76
CA ASP A 48 20.40 4.76 -18.33
C ASP A 48 21.47 4.92 -17.27
N GLY A 49 21.61 3.93 -16.40
CA GLY A 49 22.64 3.94 -15.38
C GLY A 49 22.34 4.81 -14.18
N GLU A 50 21.19 5.47 -14.16
CA GLU A 50 20.82 6.40 -13.10
C GLU A 50 19.68 5.79 -12.29
N THR A 51 19.91 5.60 -11.00
CA THR A 51 18.94 4.96 -10.13
C THR A 51 17.84 5.94 -9.72
N SER A 52 16.60 5.47 -9.72
CA SER A 52 15.49 6.35 -9.37
C SER A 52 14.40 5.58 -8.64
N LEU A 53 13.72 6.27 -7.74
CA LEU A 53 12.47 5.80 -7.19
C LEU A 53 11.33 6.31 -8.05
N LEU A 54 10.52 5.41 -8.59
CA LEU A 54 9.32 5.78 -9.31
C LEU A 54 8.13 5.68 -8.36
N ASP A 55 7.42 6.78 -8.19
CA ASP A 55 6.14 6.80 -7.48
C ASP A 55 5.06 6.85 -8.55
N ILE A 56 4.29 5.78 -8.67
CA ILE A 56 3.29 5.69 -9.71
C ILE A 56 1.91 5.81 -9.07
N LEU A 57 1.15 6.80 -9.53
CA LEU A 57 -0.24 6.98 -9.16
C LEU A 57 -1.10 6.44 -10.29
N ASP A 58 -1.81 5.35 -10.00
CA ASP A 58 -2.69 4.67 -10.93
C ASP A 58 -4.11 5.20 -10.69
N THR A 59 -4.60 6.01 -11.62
CA THR A 59 -5.88 6.69 -11.44
C THR A 59 -7.02 5.89 -12.04
N ALA A 60 -8.23 6.21 -11.59
CA ALA A 60 -9.42 5.66 -12.21
C ALA A 60 -9.68 6.36 -13.53
N GLY A 61 -10.23 5.63 -14.49
CA GLY A 61 -10.53 6.24 -15.77
C GLY A 61 -11.59 7.32 -15.74
N GLN A 62 -12.49 7.28 -14.76
CA GLN A 62 -13.57 8.26 -14.69
C GLN A 62 -13.00 9.67 -14.55
N GLU A 63 -13.73 10.66 -15.08
CA GLU A 63 -13.24 12.03 -15.05
C GLU A 63 -14.04 12.94 -14.13
N GLU A 64 -15.01 12.42 -13.38
CA GLU A 64 -15.64 13.23 -12.36
C GLU A 64 -14.67 13.45 -11.20
N TYR A 65 -15.13 14.18 -10.20
CA TYR A 65 -14.34 14.51 -9.02
C TYR A 65 -13.14 15.37 -9.41
N SER A 66 -13.46 16.49 -10.09
CA SER A 66 -12.42 17.38 -10.60
CA SER A 66 -12.42 17.38 -10.59
C SER A 66 -11.50 17.87 -9.48
N ALA A 67 -12.03 18.07 -8.27
CA ALA A 67 -11.17 18.57 -7.20
C ALA A 67 -10.03 17.59 -6.93
N MET A 68 -10.34 16.30 -6.88
CA MET A 68 -9.30 15.30 -6.67
C MET A 68 -8.42 15.14 -7.91
N ARG A 69 -9.01 15.12 -9.09
CA ARG A 69 -8.22 14.89 -10.31
C ARG A 69 -7.31 16.06 -10.62
N ASP A 70 -7.78 17.29 -10.36
CA ASP A 70 -6.90 18.45 -10.47
C ASP A 70 -5.68 18.30 -9.56
N GLN A 71 -5.88 17.85 -8.33
CA GLN A 71 -4.73 17.67 -7.44
C GLN A 71 -3.78 16.60 -7.97
N TYR A 72 -4.31 15.51 -8.53
CA TYR A 72 -3.44 14.52 -9.18
C TYR A 72 -2.51 15.21 -10.17
N MET A 73 -3.06 16.15 -10.94
CA MET A 73 -2.29 16.79 -11.99
C MET A 73 -1.33 17.85 -11.44
N ARG A 74 -1.72 18.59 -10.41
CA ARG A 74 -0.77 19.52 -9.80
C ARG A 74 0.45 18.81 -9.25
N THR A 75 0.24 17.67 -8.60
CA THR A 75 1.35 16.97 -7.94
C THR A 75 2.19 16.16 -8.93
N GLY A 76 1.57 15.58 -9.95
CA GLY A 76 2.32 14.73 -10.87
C GLY A 76 3.38 15.50 -11.65
N GLU A 77 4.52 14.85 -11.86
CA GLU A 77 5.60 15.44 -12.66
C GLU A 77 5.58 15.00 -14.12
N GLY A 78 4.98 13.86 -14.42
CA GLY A 78 4.88 13.37 -15.78
C GLY A 78 3.69 12.45 -15.86
N PHE A 79 3.11 12.36 -17.06
CA PHE A 79 1.83 11.69 -17.24
C PHE A 79 1.90 10.73 -18.40
N LEU A 80 1.45 9.50 -18.19
CA LEU A 80 1.17 8.58 -19.29
C LEU A 80 -0.27 8.79 -19.71
N LEU A 81 -0.48 9.14 -20.98
CA LEU A 81 -1.80 9.30 -21.57
C LEU A 81 -2.11 8.00 -22.29
N VAL A 82 -2.92 7.14 -21.70
CA VAL A 82 -3.12 5.80 -22.22
C VAL A 82 -4.45 5.73 -22.96
N PHE A 83 -4.43 5.20 -24.18
CA PHE A 83 -5.64 4.76 -24.85
C PHE A 83 -5.42 3.31 -25.27
N ALA A 84 -6.48 2.66 -25.70
CA ALA A 84 -6.41 1.29 -26.19
C ALA A 84 -6.57 1.31 -27.71
N ILE A 85 -5.77 0.52 -28.42
CA ILE A 85 -5.77 0.61 -29.88
C ILE A 85 -7.05 0.05 -30.48
N ASN A 86 -7.89 -0.59 -29.68
CA ASN A 86 -9.16 -1.13 -30.14
C ASN A 86 -10.35 -0.42 -29.49
N ASN A 87 -10.15 0.83 -29.06
CA ASN A 87 -11.18 1.63 -28.40
C ASN A 87 -11.02 3.04 -28.96
N THR A 88 -11.77 3.34 -30.02
CA THR A 88 -11.62 4.64 -30.67
C THR A 88 -12.01 5.77 -29.73
N LYS A 89 -13.04 5.56 -28.91
CA LYS A 89 -13.43 6.61 -27.97
C LYS A 89 -12.28 6.92 -27.01
N SER A 90 -11.56 5.90 -26.55
CA SER A 90 -10.45 6.18 -25.64
C SER A 90 -9.38 7.02 -26.34
N PHE A 91 -9.19 6.85 -27.65
CA PHE A 91 -8.24 7.70 -28.36
C PHE A 91 -8.80 9.12 -28.52
N GLU A 92 -10.08 9.23 -28.88
CA GLU A 92 -10.72 10.54 -28.97
C GLU A 92 -10.70 11.28 -27.63
N ASP A 93 -10.64 10.53 -26.52
CA ASP A 93 -10.64 11.15 -25.19
C ASP A 93 -9.29 11.77 -24.83
N ILE A 94 -8.22 11.40 -25.54
CA ILE A 94 -6.87 11.77 -25.12
C ILE A 94 -6.72 13.28 -25.00
N HIS A 95 -7.24 14.04 -25.98
CA HIS A 95 -6.98 15.47 -25.94
C HIS A 95 -7.58 16.11 -24.69
N HIS A 96 -8.69 15.57 -24.17
CA HIS A 96 -9.26 16.07 -22.91
C HIS A 96 -8.27 15.95 -21.76
N TYR A 97 -7.62 14.78 -21.64
CA TYR A 97 -6.66 14.59 -20.56
C TYR A 97 -5.51 15.59 -20.68
N ARG A 98 -4.99 15.79 -21.89
N ARG A 98 -5.00 15.78 -21.90
CA ARG A 98 -3.90 16.74 -22.06
CA ARG A 98 -3.91 16.73 -22.08
C ARG A 98 -4.36 18.16 -21.78
C ARG A 98 -4.36 18.16 -21.78
N GLU A 99 -5.55 18.55 -22.27
CA GLU A 99 -6.07 19.89 -21.98
C GLU A 99 -6.18 20.12 -20.48
N GLN A 100 -6.65 19.11 -19.74
CA GLN A 100 -6.79 19.23 -18.28
C GLN A 100 -5.43 19.41 -17.62
N ILE A 101 -4.42 18.67 -18.07
CA ILE A 101 -3.09 18.79 -17.48
C ILE A 101 -2.52 20.19 -17.73
N LYS A 102 -2.64 20.68 -18.96
CA LYS A 102 -2.14 22.03 -19.26
C LYS A 102 -2.88 23.08 -18.46
N ARG A 103 -4.19 22.92 -18.30
CA ARG A 103 -5.00 23.88 -17.56
C ARG A 103 -4.59 23.93 -16.09
N VAL A 104 -4.52 22.75 -15.46
CA VAL A 104 -4.23 22.65 -14.04
C VAL A 104 -2.81 23.12 -13.74
N LYS A 105 -1.85 22.71 -14.58
CA LYS A 105 -0.45 23.06 -14.39
C LYS A 105 -0.08 24.38 -15.07
N ASP A 106 -1.03 25.01 -15.76
CA ASP A 106 -0.86 26.33 -16.40
C ASP A 106 0.43 26.37 -17.21
N SER A 107 0.56 25.41 -18.13
CA SER A 107 1.80 25.26 -18.87
C SER A 107 1.55 24.49 -20.16
N GLU A 108 2.30 24.86 -21.19
CA GLU A 108 2.29 24.13 -22.45
C GLU A 108 3.41 23.11 -22.54
N ASP A 109 4.26 23.02 -21.52
CA ASP A 109 5.44 22.16 -21.54
C ASP A 109 5.41 21.28 -20.29
N VAL A 110 4.61 20.22 -20.33
CA VAL A 110 4.47 19.28 -19.21
C VAL A 110 4.92 17.92 -19.71
N PRO A 111 5.78 17.21 -18.98
CA PRO A 111 6.23 15.89 -19.45
C PRO A 111 5.07 14.91 -19.59
N MET A 112 4.90 14.38 -20.80
CA MET A 112 3.83 13.43 -21.11
C MET A 112 4.31 12.49 -22.19
N VAL A 113 3.72 11.29 -22.20
CA VAL A 113 3.96 10.29 -23.23
C VAL A 113 2.62 9.71 -23.64
N LEU A 114 2.36 9.62 -24.94
CA LEU A 114 1.14 8.99 -25.43
C LEU A 114 1.36 7.50 -25.55
N VAL A 115 0.45 6.71 -24.97
CA VAL A 115 0.60 5.26 -24.90
C VAL A 115 -0.58 4.60 -25.60
N GLY A 116 -0.30 3.83 -26.64
CA GLY A 116 -1.32 3.04 -27.29
C GLY A 116 -1.22 1.59 -26.83
N ASN A 117 -2.13 1.20 -25.95
CA ASN A 117 -2.05 -0.09 -25.28
C ASN A 117 -2.95 -1.12 -25.96
N LYS A 118 -2.76 -2.38 -25.57
CA LYS A 118 -3.42 -3.57 -26.13
C LYS A 118 -2.98 -3.84 -27.56
N SER A 119 -1.71 -3.55 -27.85
CA SER A 119 -1.18 -3.76 -29.20
CA SER A 119 -1.19 -3.76 -29.20
C SER A 119 -1.20 -5.22 -29.61
N ASP A 120 -1.35 -6.14 -28.66
CA ASP A 120 -1.43 -7.56 -28.97
C ASP A 120 -2.76 -7.97 -29.58
N LEU A 121 -3.79 -7.12 -29.49
CA LEU A 121 -5.11 -7.57 -29.89
C LEU A 121 -5.33 -7.37 -31.38
N PRO A 122 -6.02 -8.32 -32.04
CA PRO A 122 -6.26 -8.19 -33.48
C PRO A 122 -7.51 -7.40 -33.83
N SER A 123 -7.95 -6.51 -32.93
CA SER A 123 -9.21 -5.79 -33.08
C SER A 123 -8.99 -4.28 -33.15
N ARG A 124 -7.88 -3.87 -33.77
CA ARG A 124 -7.50 -2.46 -33.84
C ARG A 124 -8.57 -1.61 -34.51
N THR A 125 -8.86 -0.46 -33.91
CA THR A 125 -9.67 0.57 -34.54
C THR A 125 -8.94 1.90 -34.72
N VAL A 126 -7.82 2.10 -34.04
CA VAL A 126 -7.06 3.34 -34.11
C VAL A 126 -5.76 3.06 -34.85
N ASP A 127 -5.56 3.73 -35.98
CA ASP A 127 -4.34 3.52 -36.76
C ASP A 127 -3.14 4.07 -36.02
N THR A 128 -2.02 3.34 -36.11
CA THR A 128 -0.76 3.84 -35.54
C THR A 128 -0.41 5.23 -36.07
N LYS A 129 -0.65 5.48 -37.37
CA LYS A 129 -0.33 6.77 -37.96
C LYS A 129 -1.14 7.89 -37.30
N GLN A 130 -2.43 7.65 -37.03
CA GLN A 130 -3.23 8.65 -36.33
C GLN A 130 -2.60 9.03 -34.99
N ALA A 131 -2.17 8.03 -34.23
CA ALA A 131 -1.60 8.29 -32.92
C ALA A 131 -0.23 8.94 -33.03
N GLN A 132 0.59 8.48 -33.99
CA GLN A 132 1.87 9.12 -34.23
C GLN A 132 1.70 10.60 -34.57
N ASP A 133 0.74 10.90 -35.45
CA ASP A 133 0.51 12.28 -35.86
C ASP A 133 0.03 13.12 -34.68
N LEU A 134 -0.82 12.56 -33.84
CA LEU A 134 -1.30 13.32 -32.68
C LEU A 134 -0.18 13.61 -31.71
N ALA A 135 0.62 12.59 -31.39
CA ALA A 135 1.76 12.83 -30.49
C ALA A 135 2.71 13.85 -31.08
N ARG A 136 2.97 13.75 -32.39
CA ARG A 136 3.83 14.72 -33.03
C ARG A 136 3.25 16.13 -32.92
N SER A 137 1.92 16.26 -33.08
CA SER A 137 1.30 17.58 -32.98
C SER A 137 1.40 18.14 -31.58
N TYR A 138 1.53 17.27 -30.58
CA TYR A 138 1.73 17.64 -29.19
C TYR A 138 3.20 17.84 -28.83
N GLY A 139 4.12 17.39 -29.68
CA GLY A 139 5.52 17.40 -29.34
C GLY A 139 5.90 16.43 -28.24
N ILE A 140 5.24 15.29 -28.14
CA ILE A 140 5.53 14.32 -27.08
C ILE A 140 5.78 12.96 -27.73
N PRO A 141 6.46 12.06 -27.01
CA PRO A 141 6.70 10.71 -27.55
C PRO A 141 5.42 9.88 -27.60
N PHE A 142 5.42 8.91 -28.52
CA PHE A 142 4.36 7.93 -28.66
C PHE A 142 4.95 6.53 -28.60
N ILE A 143 4.32 5.65 -27.83
CA ILE A 143 4.77 4.27 -27.71
C ILE A 143 3.58 3.34 -27.72
N GLU A 144 3.66 2.27 -28.50
CA GLU A 144 2.63 1.23 -28.46
C GLU A 144 3.07 0.14 -27.49
N THR A 145 2.12 -0.33 -26.69
CA THR A 145 2.41 -1.23 -25.59
C THR A 145 1.40 -2.37 -25.58
N SER A 146 1.79 -3.45 -24.93
CA SER A 146 0.87 -4.50 -24.53
C SER A 146 1.21 -4.90 -23.10
N ALA A 147 0.29 -4.64 -22.18
CA ALA A 147 0.43 -5.19 -20.84
C ALA A 147 0.40 -6.70 -20.82
N LYS A 148 -0.23 -7.33 -21.82
CA LYS A 148 -0.31 -8.79 -21.79
C LYS A 148 1.05 -9.42 -22.11
N THR A 149 1.69 -8.96 -23.18
CA THR A 149 2.97 -9.51 -23.64
C THR A 149 4.17 -8.78 -23.07
N ARG A 150 3.93 -7.68 -22.36
CA ARG A 150 4.90 -6.76 -21.77
C ARG A 150 5.62 -5.91 -22.80
N GLN A 151 5.26 -6.01 -24.08
CA GLN A 151 5.89 -5.20 -25.10
C GLN A 151 5.74 -3.72 -24.78
N GLY A 152 6.87 -3.01 -24.78
CA GLY A 152 6.89 -1.58 -24.59
C GLY A 152 6.60 -1.07 -23.20
N VAL A 153 6.41 -1.95 -22.21
CA VAL A 153 6.01 -1.48 -20.88
C VAL A 153 7.14 -0.69 -20.23
N ASP A 154 8.33 -1.30 -20.10
CA ASP A 154 9.46 -0.55 -19.56
C ASP A 154 9.72 0.71 -20.39
N ASP A 155 9.69 0.58 -21.73
CA ASP A 155 9.99 1.75 -22.58
C ASP A 155 9.01 2.89 -22.35
N ALA A 156 7.73 2.57 -22.15
CA ALA A 156 6.75 3.62 -21.92
C ALA A 156 7.09 4.41 -20.66
N PHE A 157 7.30 3.72 -19.55
CA PHE A 157 7.60 4.42 -18.30
C PHE A 157 8.98 5.07 -18.34
N TYR A 158 9.96 4.38 -18.92
CA TYR A 158 11.31 4.95 -18.97
C TYR A 158 11.34 6.16 -19.88
N THR A 159 10.58 6.14 -20.98
CA THR A 159 10.51 7.32 -21.84
C THR A 159 9.92 8.51 -21.09
N LEU A 160 8.90 8.28 -20.27
CA LEU A 160 8.34 9.37 -19.50
C LEU A 160 9.35 9.91 -18.48
N VAL A 161 10.12 9.01 -17.85
CA VAL A 161 11.17 9.49 -16.95
C VAL A 161 12.17 10.36 -17.69
N ARG A 162 12.58 9.93 -18.89
CA ARG A 162 13.53 10.72 -19.68
C ARG A 162 12.95 12.10 -20.00
N GLU A 163 11.65 12.17 -20.28
CA GLU A 163 11.02 13.46 -20.54
C GLU A 163 11.07 14.35 -19.30
N ILE A 164 10.87 13.77 -18.11
CA ILE A 164 10.95 14.56 -16.88
C ILE A 164 12.37 15.00 -16.61
N ARG A 165 13.32 14.06 -16.70
CA ARG A 165 14.73 14.37 -16.49
C ARG A 165 15.16 15.53 -17.38
N LYS A 166 14.82 15.45 -18.66
CA LYS A 166 15.13 16.54 -19.58
C LYS A 166 14.54 17.85 -19.08
N HIS A 167 13.27 17.82 -18.70
CA HIS A 167 12.58 19.03 -18.25
C HIS A 167 13.28 19.63 -17.04
N LYS A 168 13.70 18.80 -16.09
CA LYS A 168 14.27 19.32 -14.86
C LYS A 168 15.65 19.93 -15.07
N GLU A 169 16.47 19.33 -15.93
CA GLU A 169 17.88 19.69 -16.04
C GLU A 169 18.14 20.70 -17.16
N LYS A 170 17.12 21.10 -17.91
CA LYS A 170 17.31 21.91 -19.11
C LYS A 170 17.80 23.32 -18.79
N VAL B 3 -48.25 -1.61 1.63
CA VAL B 3 -47.13 -1.06 2.40
C VAL B 3 -45.81 -1.41 1.72
N ASN B 4 -44.81 -0.55 1.87
CA ASN B 4 -43.50 -0.80 1.29
C ASN B 4 -42.90 -2.07 1.87
N PRO B 5 -42.33 -2.95 1.05
CA PRO B 5 -41.71 -4.18 1.58
C PRO B 5 -40.42 -3.88 2.32
N THR B 6 -40.06 -4.83 3.19
N THR B 6 -40.05 -4.80 3.21
CA THR B 6 -38.84 -4.80 4.00
CA THR B 6 -38.78 -4.71 3.91
C THR B 6 -38.01 -6.04 3.70
C THR B 6 -38.01 -6.00 3.73
N VAL B 7 -36.70 -5.86 3.52
CA VAL B 7 -35.80 -7.00 3.34
C VAL B 7 -34.67 -6.89 4.36
N PHE B 8 -33.99 -8.01 4.58
CA PHE B 8 -32.88 -8.03 5.53
C PHE B 8 -31.65 -8.66 4.91
N PHE B 9 -30.49 -8.18 5.35
CA PHE B 9 -29.19 -8.81 5.12
C PHE B 9 -28.61 -9.21 6.47
N ASP B 10 -28.20 -10.47 6.59
CA ASP B 10 -27.32 -10.87 7.69
C ASP B 10 -25.88 -10.76 7.21
N ILE B 11 -25.15 -9.80 7.76
CA ILE B 11 -23.78 -9.48 7.33
C ILE B 11 -22.79 -10.35 8.09
N ALA B 12 -21.78 -10.83 7.39
CA ALA B 12 -20.76 -11.69 7.99
C ALA B 12 -19.38 -11.10 7.68
N VAL B 13 -18.45 -11.35 8.60
CA VAL B 13 -17.05 -10.92 8.49
C VAL B 13 -16.22 -12.20 8.51
N ASP B 14 -15.57 -12.51 7.38
CA ASP B 14 -14.87 -13.78 7.20
C ASP B 14 -15.73 -14.96 7.70
N GLY B 15 -17.03 -14.89 7.40
CA GLY B 15 -17.96 -15.93 7.73
C GLY B 15 -18.59 -15.84 9.11
N GLU B 16 -18.09 -14.96 9.99
CA GLU B 16 -18.64 -14.84 11.33
C GLU B 16 -19.73 -13.77 11.36
N PRO B 17 -20.86 -14.01 12.02
CA PRO B 17 -21.95 -13.03 11.97
C PRO B 17 -21.49 -11.70 12.54
N LEU B 18 -21.78 -10.63 11.81
CA LEU B 18 -21.56 -9.27 12.30
C LEU B 18 -22.87 -8.71 12.87
N GLY B 19 -23.93 -8.70 12.08
CA GLY B 19 -25.21 -8.20 12.53
C GLY B 19 -26.17 -8.17 11.35
N ARG B 20 -27.40 -7.73 11.64
CA ARG B 20 -28.44 -7.66 10.62
C ARG B 20 -28.71 -6.21 10.23
N VAL B 21 -28.90 -5.98 8.93
CA VAL B 21 -29.36 -4.71 8.39
C VAL B 21 -30.66 -4.95 7.66
N SER B 22 -31.69 -4.18 7.99
CA SER B 22 -32.95 -4.26 7.29
C SER B 22 -33.18 -2.99 6.48
N PHE B 23 -33.92 -3.11 5.40
CA PHE B 23 -34.17 -2.01 4.48
C PHE B 23 -35.65 -1.88 4.19
N GLU B 24 -36.14 -0.63 4.16
CA GLU B 24 -37.43 -0.32 3.54
C GLU B 24 -37.20 -0.04 2.07
N LEU B 25 -37.94 -0.73 1.20
CA LEU B 25 -37.83 -0.52 -0.24
C LEU B 25 -39.01 0.34 -0.69
N PHE B 26 -38.70 1.40 -1.43
CA PHE B 26 -39.72 2.40 -1.80
C PHE B 26 -40.47 1.95 -3.05
N ALA B 27 -41.18 0.83 -2.90
CA ALA B 27 -42.04 0.35 -3.97
C ALA B 27 -43.09 1.39 -4.35
N ASP B 28 -43.46 2.27 -3.41
CA ASP B 28 -44.50 3.25 -3.67
C ASP B 28 -44.05 4.33 -4.66
N LYS B 29 -42.74 4.61 -4.71
CA LYS B 29 -42.24 5.65 -5.61
C LYS B 29 -41.27 5.14 -6.67
N VAL B 30 -40.59 4.01 -6.43
CA VAL B 30 -39.65 3.48 -7.41
C VAL B 30 -39.94 2.00 -7.58
N PRO B 31 -41.12 1.63 -8.10
CA PRO B 31 -41.57 0.23 -7.99
C PRO B 31 -40.72 -0.78 -8.75
N LYS B 32 -40.26 -0.45 -9.97
CA LYS B 32 -39.48 -1.43 -10.75
C LYS B 32 -38.14 -1.70 -10.09
N THR B 33 -37.50 -0.65 -9.56
CA THR B 33 -36.20 -0.80 -8.94
C THR B 33 -36.32 -1.47 -7.57
N ALA B 34 -37.36 -1.13 -6.81
CA ALA B 34 -37.57 -1.82 -5.54
C ALA B 34 -37.85 -3.30 -5.75
N GLU B 35 -38.65 -3.64 -6.78
CA GLU B 35 -38.97 -5.05 -7.00
C GLU B 35 -37.74 -5.86 -7.37
N ASN B 36 -36.81 -5.28 -8.12
CA ASN B 36 -35.56 -5.97 -8.46
C ASN B 36 -34.79 -6.32 -7.19
N PHE B 37 -34.57 -5.32 -6.33
CA PHE B 37 -33.82 -5.55 -5.10
C PHE B 37 -34.53 -6.54 -4.19
N ARG B 38 -35.86 -6.45 -4.11
CA ARG B 38 -36.63 -7.39 -3.29
C ARG B 38 -36.44 -8.82 -3.77
N ALA B 39 -36.62 -9.05 -5.07
CA ALA B 39 -36.50 -10.40 -5.61
C ALA B 39 -35.07 -10.92 -5.49
N LEU B 40 -34.08 -10.05 -5.70
CA LEU B 40 -32.70 -10.48 -5.53
C LEU B 40 -32.40 -10.83 -4.07
N SER B 41 -33.06 -10.16 -3.12
CA SER B 41 -32.85 -10.47 -1.71
C SER B 41 -33.47 -11.81 -1.32
N THR B 42 -34.60 -12.19 -1.92
CA THR B 42 -35.21 -13.47 -1.59
C THR B 42 -34.64 -14.61 -2.39
N GLY B 43 -33.97 -14.32 -3.51
CA GLY B 43 -33.47 -15.38 -4.37
C GLY B 43 -34.53 -16.11 -5.15
N GLU B 44 -35.75 -15.57 -5.23
CA GLU B 44 -36.87 -16.32 -5.78
C GLU B 44 -36.77 -16.54 -7.30
N LYS B 45 -35.90 -15.80 -8.00
CA LYS B 45 -35.70 -16.05 -9.43
C LYS B 45 -34.64 -17.10 -9.70
N GLY B 46 -34.00 -17.64 -8.67
CA GLY B 46 -32.92 -18.60 -8.83
C GLY B 46 -31.52 -18.02 -8.73
N PHE B 47 -31.41 -16.73 -8.45
CA PHE B 47 -30.13 -16.05 -8.26
C PHE B 47 -30.38 -14.83 -7.37
N GLY B 48 -29.31 -14.27 -6.82
CA GLY B 48 -29.47 -13.06 -6.03
C GLY B 48 -28.31 -12.84 -5.07
N TYR B 49 -28.59 -12.05 -4.04
CA TYR B 49 -27.53 -11.48 -3.22
C TYR B 49 -26.89 -12.48 -2.26
N LYS B 50 -27.55 -13.57 -1.91
CA LYS B 50 -27.06 -14.41 -0.83
C LYS B 50 -25.67 -14.96 -1.17
N GLY B 51 -24.71 -14.72 -0.28
CA GLY B 51 -23.34 -15.14 -0.47
C GLY B 51 -22.42 -14.10 -1.06
N SER B 52 -22.99 -13.04 -1.65
CA SER B 52 -22.18 -12.05 -2.34
C SER B 52 -21.53 -11.09 -1.34
N CYS B 53 -20.57 -10.31 -1.85
CA CYS B 53 -19.61 -9.55 -1.06
C CYS B 53 -19.87 -8.05 -1.17
N PHE B 54 -19.65 -7.31 -0.07
CA PHE B 54 -19.50 -5.86 -0.15
C PHE B 54 -18.04 -5.60 -0.53
N HIS B 55 -17.78 -5.44 -1.83
CA HIS B 55 -16.40 -5.45 -2.33
C HIS B 55 -15.72 -4.09 -2.22
N ARG B 56 -16.50 -3.01 -2.09
CA ARG B 56 -15.93 -1.66 -2.10
C ARG B 56 -16.57 -0.89 -0.95
N ILE B 57 -15.78 -0.61 0.08
CA ILE B 57 -16.26 0.12 1.26
C ILE B 57 -15.31 1.29 1.46
N ILE B 58 -15.82 2.51 1.31
CA ILE B 58 -14.97 3.70 1.44
C ILE B 58 -15.48 4.56 2.59
N PRO B 59 -14.72 4.66 3.68
CA PRO B 59 -15.19 5.40 4.85
C PRO B 59 -15.50 6.85 4.52
N GLY B 60 -16.63 7.32 5.05
CA GLY B 60 -17.13 8.64 4.77
C GLY B 60 -18.03 8.73 3.56
N PHE B 61 -18.21 7.63 2.84
CA PHE B 61 -18.98 7.67 1.59
C PHE B 61 -20.00 6.54 1.53
N MET B 62 -19.59 5.28 1.41
CA MET B 62 -20.61 4.25 1.16
C MET B 62 -20.05 2.85 1.31
N CYS B 63 -20.97 1.89 1.40
CA CYS B 63 -20.69 0.45 1.28
C CYS B 63 -21.37 -0.06 0.02
N GLN B 64 -20.57 -0.58 -0.91
CA GLN B 64 -21.08 -1.04 -2.20
C GLN B 64 -20.94 -2.55 -2.31
N GLY B 65 -21.98 -3.21 -2.81
CA GLY B 65 -21.93 -4.64 -3.04
C GLY B 65 -22.84 -5.10 -4.15
N GLY B 66 -23.09 -6.41 -4.23
CA GLY B 66 -24.12 -6.95 -5.10
C GLY B 66 -23.65 -7.70 -6.33
N ASP B 67 -22.34 -7.88 -6.53
CA ASP B 67 -21.86 -8.62 -7.71
C ASP B 67 -21.89 -10.11 -7.41
N PHE B 68 -22.99 -10.78 -7.73
CA PHE B 68 -23.12 -12.22 -7.52
C PHE B 68 -22.85 -13.03 -8.78
N THR B 69 -22.51 -12.39 -9.91
CA THR B 69 -22.22 -13.14 -11.12
C THR B 69 -20.74 -13.30 -11.40
N ARG B 70 -19.93 -12.26 -11.17
CA ARG B 70 -18.49 -12.33 -11.38
C ARG B 70 -17.67 -12.36 -10.09
N HIS B 71 -18.24 -11.91 -8.97
CA HIS B 71 -17.58 -11.96 -7.66
C HIS B 71 -16.30 -11.15 -7.63
N ASN B 72 -16.22 -10.11 -8.47
CA ASN B 72 -15.03 -9.28 -8.52
C ASN B 72 -15.33 -7.79 -8.68
N GLY B 73 -16.59 -7.36 -8.52
CA GLY B 73 -16.94 -5.95 -8.60
C GLY B 73 -17.34 -5.44 -9.97
N THR B 74 -17.30 -6.29 -10.99
CA THR B 74 -17.65 -5.89 -12.34
C THR B 74 -19.01 -6.39 -12.78
N GLY B 75 -19.57 -7.37 -12.09
CA GLY B 75 -20.74 -8.06 -12.61
C GLY B 75 -22.03 -7.74 -11.91
N GLY B 76 -22.92 -8.72 -11.92
CA GLY B 76 -24.28 -8.61 -11.44
C GLY B 76 -25.27 -8.53 -12.59
N LYS B 77 -26.53 -8.84 -12.29
CA LYS B 77 -27.59 -8.75 -13.28
C LYS B 77 -28.90 -8.48 -12.55
N SER B 78 -29.88 -7.94 -13.28
CA SER B 78 -31.18 -7.67 -12.70
C SER B 78 -32.12 -8.83 -12.99
N ILE B 79 -33.33 -8.74 -12.41
CA ILE B 79 -34.37 -9.71 -12.74
C ILE B 79 -35.00 -9.44 -14.10
N TYR B 80 -34.64 -8.33 -14.74
CA TYR B 80 -35.20 -7.95 -16.03
C TYR B 80 -34.23 -8.19 -17.19
N GLY B 81 -33.10 -8.82 -16.94
CA GLY B 81 -32.00 -8.90 -17.89
C GLY B 81 -30.74 -8.30 -17.28
N GLU B 82 -29.71 -8.19 -18.11
CA GLU B 82 -28.42 -7.75 -17.59
C GLU B 82 -28.50 -6.33 -17.04
N LYS B 83 -29.28 -5.46 -17.70
CA LYS B 83 -29.40 -4.08 -17.23
C LYS B 83 -30.81 -3.56 -17.46
N PHE B 84 -31.19 -2.55 -16.66
CA PHE B 84 -32.46 -1.87 -16.89
C PHE B 84 -32.32 -0.36 -16.71
N GLU B 85 -33.30 0.36 -17.25
CA GLU B 85 -33.27 1.81 -17.32
C GLU B 85 -33.33 2.46 -15.93
N ASP B 86 -32.80 3.67 -15.84
CA ASP B 86 -33.04 4.50 -14.66
C ASP B 86 -34.52 4.83 -14.59
N GLU B 87 -35.14 4.41 -13.49
CA GLU B 87 -36.60 4.47 -13.39
C GLU B 87 -37.08 5.90 -13.19
N ASN B 88 -36.52 6.60 -12.21
CA ASN B 88 -36.78 8.02 -11.98
C ASN B 88 -35.70 8.50 -11.01
N PHE B 89 -35.65 9.81 -10.80
CA PHE B 89 -34.73 10.40 -9.83
C PHE B 89 -35.49 11.24 -8.81
N ILE B 90 -36.65 10.74 -8.39
CA ILE B 90 -37.46 11.47 -7.42
C ILE B 90 -36.69 11.67 -6.12
N LEU B 91 -36.08 10.61 -5.63
CA LEU B 91 -35.46 10.61 -4.32
C LEU B 91 -33.97 10.87 -4.43
N LYS B 92 -33.41 11.49 -3.39
CA LYS B 92 -32.06 12.00 -3.41
C LYS B 92 -31.22 11.33 -2.34
N HIS B 93 -29.90 11.45 -2.48
CA HIS B 93 -28.93 10.89 -1.54
C HIS B 93 -28.75 11.85 -0.38
N THR B 94 -29.69 11.79 0.57
CA THR B 94 -29.84 12.84 1.58
C THR B 94 -29.02 12.62 2.84
N GLY B 95 -28.40 11.45 3.02
CA GLY B 95 -27.66 11.17 4.22
C GLY B 95 -27.46 9.68 4.46
N PRO B 96 -26.93 9.34 5.64
CA PRO B 96 -26.62 7.93 5.93
C PRO B 96 -27.85 7.04 5.82
N GLY B 97 -27.64 5.84 5.27
CA GLY B 97 -28.68 4.83 5.20
C GLY B 97 -29.41 4.77 3.88
N ILE B 98 -29.26 5.78 3.02
CA ILE B 98 -29.89 5.77 1.71
C ILE B 98 -29.36 4.60 0.89
N LEU B 99 -30.28 3.84 0.29
CA LEU B 99 -30.00 2.70 -0.55
C LEU B 99 -30.23 3.11 -2.01
N SER B 100 -29.22 2.90 -2.85
CA SER B 100 -29.21 3.46 -4.19
C SER B 100 -28.50 2.51 -5.14
N MET B 101 -28.81 2.64 -6.43
CA MET B 101 -28.25 1.72 -7.43
C MET B 101 -26.88 2.18 -7.89
N ALA B 102 -25.91 1.27 -7.88
CA ALA B 102 -24.66 1.48 -8.57
C ALA B 102 -24.88 1.34 -10.08
N ASN B 103 -23.97 1.93 -10.87
CA ASN B 103 -24.11 1.81 -12.31
C ASN B 103 -22.83 2.23 -13.02
N ALA B 104 -22.81 2.00 -14.33
CA ALA B 104 -21.68 2.38 -15.15
C ALA B 104 -22.09 3.44 -16.18
N GLY B 105 -23.00 4.32 -15.80
CA GLY B 105 -23.54 5.30 -16.71
C GLY B 105 -25.04 5.17 -16.81
N PRO B 106 -25.66 5.99 -17.66
CA PRO B 106 -27.12 5.97 -17.76
C PRO B 106 -27.67 4.59 -18.15
N ASN B 107 -28.76 4.21 -17.48
CA ASN B 107 -29.53 3.03 -17.86
C ASN B 107 -28.70 1.75 -17.86
N THR B 108 -27.87 1.56 -16.83
CA THR B 108 -27.08 0.34 -16.69
C THR B 108 -27.30 -0.31 -15.34
N ASN B 109 -28.49 -0.15 -14.76
CA ASN B 109 -28.78 -0.78 -13.49
C ASN B 109 -28.75 -2.29 -13.62
N GLY B 110 -28.11 -2.96 -12.66
CA GLY B 110 -28.09 -4.41 -12.67
C GLY B 110 -28.49 -4.94 -11.32
N SER B 111 -27.51 -5.38 -10.53
CA SER B 111 -27.73 -5.74 -9.15
C SER B 111 -26.85 -4.97 -8.17
N GLN B 112 -25.73 -4.40 -8.60
CA GLN B 112 -24.88 -3.72 -7.63
C GLN B 112 -25.60 -2.49 -7.06
N PHE B 113 -25.36 -2.23 -5.79
CA PHE B 113 -26.05 -1.20 -5.03
C PHE B 113 -25.06 -0.61 -4.06
N PHE B 114 -25.43 0.50 -3.43
CA PHE B 114 -24.63 1.00 -2.33
C PHE B 114 -25.51 1.56 -1.24
N ILE B 115 -25.01 1.47 -0.01
CA ILE B 115 -25.61 2.08 1.17
C ILE B 115 -24.77 3.30 1.52
N CYS B 116 -25.37 4.48 1.47
CA CYS B 116 -24.66 5.70 1.86
C CYS B 116 -24.33 5.68 3.35
N THR B 117 -23.12 6.16 3.69
CA THR B 117 -22.78 6.44 5.06
C THR B 117 -22.68 7.93 5.33
N ALA B 118 -22.97 8.75 4.32
CA ALA B 118 -23.03 10.20 4.43
C ALA B 118 -23.89 10.70 3.27
N LYS B 119 -24.24 11.98 3.34
CA LYS B 119 -24.88 12.61 2.19
C LYS B 119 -23.92 12.56 0.99
N THR B 120 -24.44 12.15 -0.18
CA THR B 120 -23.65 12.08 -1.41
C THR B 120 -24.47 12.75 -2.52
N GLU B 121 -24.73 14.05 -2.36
CA GLU B 121 -25.66 14.76 -3.26
C GLU B 121 -25.15 14.84 -4.70
N TRP B 122 -23.85 14.69 -4.93
CA TRP B 122 -23.35 14.77 -6.29
C TRP B 122 -23.83 13.58 -7.13
N LEU B 123 -24.33 12.51 -6.50
CA LEU B 123 -24.89 11.37 -7.21
C LEU B 123 -26.37 11.55 -7.55
N ASP B 124 -27.00 12.59 -7.03
CA ASP B 124 -28.39 12.89 -7.35
C ASP B 124 -28.57 13.03 -8.86
N GLY B 125 -29.61 12.41 -9.39
CA GLY B 125 -29.89 12.50 -10.80
C GLY B 125 -29.05 11.59 -11.67
N LYS B 126 -28.11 10.82 -11.08
CA LYS B 126 -27.31 9.85 -11.82
C LYS B 126 -27.46 8.43 -11.30
N HIS B 127 -27.81 8.26 -10.01
CA HIS B 127 -28.04 6.96 -9.40
C HIS B 127 -29.45 6.96 -8.81
N VAL B 128 -30.19 5.88 -9.03
CA VAL B 128 -31.59 5.79 -8.60
C VAL B 128 -31.65 5.37 -7.13
N VAL B 129 -32.16 6.26 -6.29
CA VAL B 129 -32.44 5.98 -4.88
C VAL B 129 -33.75 5.22 -4.79
N PHE B 130 -33.75 4.11 -4.06
CA PHE B 130 -34.94 3.27 -4.01
C PHE B 130 -35.24 2.67 -2.65
N GLY B 131 -34.47 3.00 -1.62
CA GLY B 131 -34.79 2.50 -0.30
C GLY B 131 -33.94 3.16 0.75
N LYS B 132 -34.03 2.66 1.97
CA LYS B 132 -33.21 3.18 3.06
C LYS B 132 -33.06 2.11 4.14
N VAL B 133 -31.96 2.21 4.89
CA VAL B 133 -31.80 1.35 6.05
C VAL B 133 -32.91 1.62 7.05
N LYS B 134 -33.53 0.55 7.54
CA LYS B 134 -34.55 0.64 8.59
C LYS B 134 -33.86 0.40 9.93
N GLU B 135 -33.49 -0.85 10.21
CA GLU B 135 -32.73 -1.17 11.41
C GLU B 135 -31.32 -1.57 11.02
N GLY B 136 -30.38 -1.32 11.93
CA GLY B 136 -29.03 -1.76 11.75
C GLY B 136 -28.06 -0.74 11.18
N MET B 137 -28.34 0.56 11.28
CA MET B 137 -27.33 1.53 10.88
C MET B 137 -26.04 1.33 11.66
N ASN B 138 -26.12 0.85 12.91
CA ASN B 138 -24.90 0.57 13.64
C ASN B 138 -24.11 -0.57 13.01
N ILE B 139 -24.79 -1.51 12.35
CA ILE B 139 -24.07 -2.56 11.63
C ILE B 139 -23.41 -1.98 10.39
N VAL B 140 -24.12 -1.09 9.68
CA VAL B 140 -23.52 -0.40 8.54
C VAL B 140 -22.30 0.40 8.98
N GLU B 141 -22.38 1.07 10.14
CA GLU B 141 -21.21 1.79 10.64
C GLU B 141 -20.04 0.85 10.92
N ALA B 142 -20.33 -0.36 11.39
CA ALA B 142 -19.27 -1.34 11.60
C ALA B 142 -18.66 -1.78 10.28
N MET B 143 -19.49 -2.06 9.28
CA MET B 143 -18.96 -2.44 7.96
C MET B 143 -18.03 -1.37 7.42
N GLU B 144 -18.41 -0.10 7.62
CA GLU B 144 -17.60 1.02 7.13
C GLU B 144 -16.20 0.99 7.71
N ARG B 145 -16.04 0.52 8.95
CA ARG B 145 -14.72 0.51 9.57
C ARG B 145 -13.79 -0.52 8.93
N PHE B 146 -14.33 -1.45 8.14
CA PHE B 146 -13.50 -2.41 7.43
C PHE B 146 -13.02 -1.86 6.09
N GLY B 147 -13.48 -0.67 5.69
CA GLY B 147 -13.10 -0.10 4.41
C GLY B 147 -11.77 0.63 4.45
N SER B 148 -11.46 1.24 3.31
CA SER B 148 -10.23 2.01 3.12
C SER B 148 -10.46 2.99 1.98
N ARG B 149 -9.44 3.84 1.77
CA ARG B 149 -9.54 4.93 0.79
C ARG B 149 -9.88 4.42 -0.60
N ASN B 150 -9.32 3.28 -1.02
CA ASN B 150 -9.61 2.76 -2.34
C ASN B 150 -10.68 1.69 -2.33
N GLY B 151 -11.34 1.45 -1.19
CA GLY B 151 -12.47 0.57 -1.12
C GLY B 151 -12.15 -0.86 -0.73
N LYS B 152 -10.88 -1.25 -0.77
CA LYS B 152 -10.52 -2.60 -0.39
C LYS B 152 -10.81 -2.79 1.09
N THR B 153 -11.41 -3.93 1.44
CA THR B 153 -11.76 -4.20 2.83
C THR B 153 -10.70 -5.04 3.53
N SER B 154 -10.56 -4.82 4.84
CA SER B 154 -9.52 -5.47 5.62
C SER B 154 -9.86 -6.91 5.98
N LYS B 155 -11.14 -7.25 6.01
CA LYS B 155 -11.64 -8.61 6.05
C LYS B 155 -12.77 -8.72 5.04
N LYS B 156 -13.19 -9.94 4.74
CA LYS B 156 -14.20 -10.13 3.70
C LYS B 156 -15.60 -9.97 4.29
N ILE B 157 -16.36 -9.01 3.73
CA ILE B 157 -17.67 -8.65 4.23
C ILE B 157 -18.70 -9.23 3.27
N THR B 158 -19.55 -10.14 3.76
CA THR B 158 -20.51 -10.81 2.89
C THR B 158 -21.93 -10.73 3.43
N ILE B 159 -22.87 -10.92 2.50
CA ILE B 159 -24.28 -11.15 2.82
C ILE B 159 -24.43 -12.66 3.05
N ALA B 160 -24.30 -13.07 4.32
CA ALA B 160 -24.39 -14.50 4.63
C ALA B 160 -25.80 -15.03 4.42
N ASP B 161 -26.81 -14.22 4.70
CA ASP B 161 -28.20 -14.59 4.48
C ASP B 161 -28.95 -13.32 4.12
N CYS B 162 -30.08 -13.48 3.42
CA CYS B 162 -30.93 -12.34 3.10
C CYS B 162 -32.32 -12.84 2.73
N GLY B 163 -33.29 -11.95 2.79
CA GLY B 163 -34.67 -12.33 2.52
C GLY B 163 -35.61 -11.18 2.81
N GLN B 164 -36.90 -11.49 2.70
CA GLN B 164 -37.94 -10.49 2.92
C GLN B 164 -38.59 -10.70 4.29
N LEU B 165 -38.79 -9.62 5.03
CA LEU B 165 -39.45 -9.71 6.35
C LEU B 165 -40.96 -9.52 6.23
N SER C 1 -8.23 24.36 -4.94
CA SER C 1 -9.11 24.03 -3.82
C SER C 1 -8.44 23.08 -2.83
N MET C 2 -7.43 22.36 -3.30
CA MET C 2 -6.74 21.35 -2.49
C MET C 2 -5.25 21.62 -2.57
N THR C 3 -4.50 21.08 -1.60
CA THR C 3 -3.04 21.01 -1.63
C THR C 3 -2.63 19.60 -1.23
N GLU C 4 -1.34 19.34 -1.30
CA GLU C 4 -0.80 18.02 -1.00
C GLU C 4 0.58 18.19 -0.39
N TYR C 5 0.89 17.38 0.63
CA TYR C 5 2.17 17.47 1.33
C TYR C 5 2.77 16.08 1.48
N LYS C 6 4.06 16.00 1.23
CA LYS C 6 4.86 14.82 1.51
C LYS C 6 5.44 14.95 2.93
N LEU C 7 4.92 14.16 3.86
CA LEU C 7 5.40 14.14 5.25
C LEU C 7 6.23 12.88 5.50
N VAL C 8 7.30 13.01 6.29
CA VAL C 8 8.20 11.89 6.58
C VAL C 8 8.35 11.77 8.09
N VAL C 9 8.16 10.56 8.62
CA VAL C 9 8.22 10.31 10.05
C VAL C 9 9.54 9.61 10.34
N VAL C 10 10.38 10.21 11.17
CA VAL C 10 11.70 9.67 11.47
C VAL C 10 11.89 9.62 12.98
N GLY C 11 12.94 8.91 13.38
CA GLY C 11 13.25 8.74 14.79
C GLY C 11 13.72 7.33 15.12
N ALA C 12 14.24 7.14 16.32
CA ALA C 12 14.89 5.88 16.68
C ALA C 12 13.91 4.70 16.62
N VAL C 13 14.47 3.50 16.60
CA VAL C 13 13.65 2.30 16.50
CA VAL C 13 13.65 2.32 16.49
C VAL C 13 12.79 2.15 17.74
N GLY C 14 11.53 1.77 17.55
CA GLY C 14 10.59 1.50 18.63
C GLY C 14 9.96 2.69 19.30
N VAL C 15 10.16 3.92 18.81
CA VAL C 15 9.62 5.08 19.50
C VAL C 15 8.12 5.26 19.26
N GLY C 16 7.56 4.63 18.24
CA GLY C 16 6.16 4.75 17.93
C GLY C 16 5.83 5.43 16.64
N LYS C 17 6.78 5.47 15.69
CA LYS C 17 6.52 6.10 14.39
C LYS C 17 5.35 5.45 13.69
N SER C 18 5.38 4.14 13.56
CA SER C 18 4.29 3.44 12.89
C SER C 18 2.99 3.54 13.69
N ALA C 19 3.05 3.42 15.03
CA ALA C 19 1.82 3.48 15.81
C ALA C 19 1.13 4.84 15.66
N LEU C 20 1.91 5.92 15.62
CA LEU C 20 1.32 7.23 15.38
C LEU C 20 0.68 7.30 14.00
N THR C 21 1.40 6.83 12.99
CA THR C 21 0.89 6.86 11.62
C THR C 21 -0.37 6.02 11.48
N ILE C 22 -0.37 4.80 12.04
CA ILE C 22 -1.54 3.94 11.91
C ILE C 22 -2.74 4.52 12.65
N GLN C 23 -2.50 5.21 13.76
CA GLN C 23 -3.60 5.91 14.41
C GLN C 23 -4.18 7.00 13.51
N LEU C 24 -3.31 7.78 12.86
CA LEU C 24 -3.80 8.80 11.93
C LEU C 24 -4.62 8.17 10.81
N ILE C 25 -4.11 7.09 10.22
CA ILE C 25 -4.70 6.56 8.99
C ILE C 25 -5.86 5.62 9.29
N GLN C 26 -5.72 4.75 10.29
CA GLN C 26 -6.66 3.67 10.51
C GLN C 26 -7.35 3.71 11.87
N ASN C 27 -7.10 4.74 12.67
CA ASN C 27 -7.82 4.99 13.93
C ASN C 27 -7.81 3.79 14.88
N HIS C 28 -6.67 3.09 14.95
CA HIS C 28 -6.56 2.02 15.94
C HIS C 28 -5.11 1.89 16.37
N PHE C 29 -4.93 1.25 17.53
CA PHE C 29 -3.65 0.99 18.17
C PHE C 29 -3.59 -0.48 18.57
N VAL C 30 -2.45 -1.12 18.35
CA VAL C 30 -2.20 -2.46 18.89
C VAL C 30 -0.83 -2.47 19.56
N ASP C 31 -0.71 -3.28 20.61
CA ASP C 31 0.54 -3.33 21.36
C ASP C 31 1.65 -4.05 20.61
N GLU C 32 1.31 -4.90 19.64
CA GLU C 32 2.34 -5.70 18.98
C GLU C 32 3.28 -4.79 18.20
N TYR C 33 4.58 -5.09 18.29
CA TYR C 33 5.60 -4.36 17.58
C TYR C 33 5.87 -5.06 16.24
N ASP C 34 5.61 -4.35 15.14
CA ASP C 34 5.88 -4.87 13.79
C ASP C 34 6.95 -3.98 13.17
N PRO C 35 8.23 -4.35 13.26
CA PRO C 35 9.30 -3.44 12.82
C PRO C 35 9.19 -3.08 11.34
N THR C 36 9.43 -1.81 11.04
CA THR C 36 9.20 -1.25 9.71
C THR C 36 10.41 -1.43 8.81
N ILE C 37 10.15 -1.75 7.55
CA ILE C 37 11.15 -1.57 6.50
C ILE C 37 10.82 -0.24 5.83
N GLU C 38 9.62 -0.13 5.28
CA GLU C 38 9.14 1.12 4.69
C GLU C 38 7.65 0.98 4.37
N ASP C 39 6.86 2.00 4.71
CA ASP C 39 5.45 2.01 4.36
C ASP C 39 5.00 3.43 4.01
N SER C 40 4.03 3.52 3.11
CA SER C 40 3.50 4.79 2.64
C SER C 40 1.97 4.80 2.76
N TYR C 41 1.43 5.95 3.16
CA TYR C 41 -0.01 6.10 3.38
C TYR C 41 -0.48 7.42 2.78
N ARG C 42 -1.78 7.49 2.48
CA ARG C 42 -2.41 8.68 1.92
C ARG C 42 -3.70 8.95 2.68
N LYS C 43 -3.94 10.21 3.03
CA LYS C 43 -5.17 10.55 3.75
C LYS C 43 -5.60 11.96 3.37
N GLN C 44 -6.90 12.15 3.16
CA GLN C 44 -7.42 13.48 2.90
C GLN C 44 -7.90 14.10 4.21
N VAL C 45 -7.46 15.32 4.49
CA VAL C 45 -7.77 16.01 5.74
C VAL C 45 -8.16 17.45 5.44
N VAL C 46 -8.76 18.09 6.44
CA VAL C 46 -9.02 19.52 6.41
C VAL C 46 -8.32 20.12 7.62
N ILE C 47 -7.39 21.04 7.38
CA ILE C 47 -6.63 21.69 8.44
C ILE C 47 -6.80 23.20 8.27
N ASP C 48 -7.29 23.87 9.30
CA ASP C 48 -7.51 25.32 9.22
C ASP C 48 -8.40 25.70 8.03
N GLY C 49 -9.42 24.89 7.78
CA GLY C 49 -10.35 25.14 6.69
C GLY C 49 -9.83 24.83 5.31
N GLU C 50 -8.61 24.34 5.18
CA GLU C 50 -7.98 24.07 3.89
C GLU C 50 -7.81 22.57 3.72
N THR C 51 -8.34 22.03 2.61
CA THR C 51 -8.32 20.59 2.35
C THR C 51 -6.96 20.20 1.78
N SER C 52 -6.39 19.10 2.29
CA SER C 52 -5.10 18.64 1.79
C SER C 52 -5.05 17.12 1.72
N LEU C 53 -4.23 16.61 0.81
CA LEU C 53 -3.87 15.20 0.78
C LEU C 53 -2.52 15.04 1.46
N LEU C 54 -2.45 14.17 2.46
CA LEU C 54 -1.20 13.91 3.16
C LEU C 54 -0.62 12.61 2.63
N ASP C 55 0.59 12.69 2.07
CA ASP C 55 1.37 11.52 1.70
C ASP C 55 2.37 11.30 2.81
N ILE C 56 2.21 10.22 3.57
CA ILE C 56 3.02 9.98 4.75
C ILE C 56 3.96 8.82 4.48
N LEU C 57 5.26 9.09 4.58
CA LEU C 57 6.28 8.04 4.51
C LEU C 57 6.70 7.65 5.92
N ASP C 58 6.42 6.40 6.28
CA ASP C 58 6.80 5.85 7.57
C ASP C 58 8.14 5.12 7.40
N THR C 59 9.21 5.66 7.98
CA THR C 59 10.56 5.13 7.75
C THR C 59 10.97 4.18 8.86
N ALA C 60 11.96 3.34 8.54
CA ALA C 60 12.57 2.53 9.59
C ALA C 60 13.41 3.42 10.49
N GLY C 61 13.48 3.05 11.77
CA GLY C 61 14.27 3.85 12.70
C GLY C 61 15.75 3.87 12.37
N GLN C 62 16.25 2.81 11.74
CA GLN C 62 17.67 2.70 11.43
C GLN C 62 18.12 3.83 10.51
N GLU C 63 19.40 4.21 10.64
CA GLU C 63 19.94 5.32 9.86
C GLU C 63 20.98 4.90 8.82
N GLU C 64 21.17 3.61 8.59
CA GLU C 64 22.04 3.18 7.51
C GLU C 64 21.30 3.36 6.18
N TYR C 65 21.88 2.84 5.10
CA TYR C 65 21.31 3.01 3.75
C TYR C 65 21.12 4.49 3.43
N SER C 66 22.25 5.21 3.39
N SER C 66 22.25 5.20 3.40
CA SER C 66 22.21 6.66 3.19
CA SER C 66 22.21 6.65 3.19
C SER C 66 21.62 7.02 1.84
C SER C 66 21.62 7.02 1.84
N ALA C 67 21.90 6.22 0.80
CA ALA C 67 21.40 6.56 -0.53
C ALA C 67 19.89 6.62 -0.55
N MET C 68 19.23 5.66 0.11
CA MET C 68 17.78 5.67 0.20
C MET C 68 17.29 6.76 1.15
N ARG C 69 17.91 6.89 2.32
CA ARG C 69 17.40 7.87 3.28
C ARG C 69 17.64 9.30 2.82
N ASP C 70 18.74 9.55 2.12
CA ASP C 70 18.92 10.88 1.56
C ASP C 70 17.78 11.22 0.61
N GLN C 71 17.33 10.24 -0.19
CA GLN C 71 16.25 10.54 -1.13
C GLN C 71 14.92 10.75 -0.39
N TYR C 72 14.68 10.00 0.69
CA TYR C 72 13.56 10.30 1.57
C TYR C 72 13.52 11.77 1.93
N MET C 73 14.69 12.32 2.30
CA MET C 73 14.73 13.67 2.83
C MET C 73 14.66 14.71 1.73
N ARG C 74 15.25 14.44 0.55
CA ARG C 74 15.07 15.37 -0.56
C ARG C 74 13.59 15.47 -0.96
N THR C 75 12.89 14.34 -0.97
CA THR C 75 11.51 14.35 -1.44
C THR C 75 10.56 14.93 -0.39
N GLY C 76 10.83 14.66 0.88
CA GLY C 76 9.90 15.07 1.92
C GLY C 76 9.90 16.57 2.10
N GLU C 77 8.71 17.12 2.38
CA GLU C 77 8.55 18.53 2.65
C GLU C 77 8.55 18.88 4.12
N GLY C 78 8.16 17.94 4.99
CA GLY C 78 8.21 18.18 6.42
C GLY C 78 8.45 16.87 7.13
N PHE C 79 8.99 16.98 8.35
CA PHE C 79 9.48 15.83 9.10
C PHE C 79 8.97 15.86 10.54
N LEU C 80 8.39 14.75 10.98
CA LEU C 80 8.18 14.51 12.41
C LEU C 80 9.43 13.85 12.97
N LEU C 81 10.00 14.48 14.00
CA LEU C 81 11.15 13.94 14.72
C LEU C 81 10.60 13.30 15.99
N VAL C 82 10.46 11.97 15.99
CA VAL C 82 9.78 11.26 17.06
C VAL C 82 10.80 10.68 18.02
N PHE C 83 10.61 10.92 19.31
CA PHE C 83 11.28 10.17 20.35
C PHE C 83 10.23 9.61 21.31
N ALA C 84 10.66 8.74 22.22
CA ALA C 84 9.78 8.21 23.25
C ALA C 84 10.18 8.78 24.59
N ILE C 85 9.18 9.20 25.39
CA ILE C 85 9.49 9.91 26.62
C ILE C 85 10.09 9.00 27.70
N ASN C 86 10.09 7.68 27.46
CA ASN C 86 10.71 6.71 28.37
C ASN C 86 11.96 6.08 27.77
N ASN C 87 12.60 6.76 26.82
CA ASN C 87 13.80 6.27 26.13
C ASN C 87 14.69 7.49 25.90
N THR C 88 15.63 7.71 26.84
CA THR C 88 16.49 8.88 26.76
C THR C 88 17.39 8.83 25.53
N LYS C 89 17.87 7.63 25.18
CA LYS C 89 18.69 7.49 23.97
C LYS C 89 17.93 7.99 22.74
N SER C 90 16.63 7.66 22.64
CA SER C 90 15.86 8.12 21.48
C SER C 90 15.79 9.64 21.44
N PHE C 91 15.77 10.28 22.60
CA PHE C 91 15.79 11.73 22.65
C PHE C 91 17.17 12.27 22.26
N GLU C 92 18.23 11.65 22.76
CA GLU C 92 19.57 12.04 22.38
C GLU C 92 19.83 11.82 20.89
N ASP C 93 19.09 10.90 20.27
CA ASP C 93 19.26 10.62 18.84
C ASP C 93 18.62 11.68 17.96
N ILE C 94 17.77 12.54 18.53
CA ILE C 94 16.99 13.47 17.70
C ILE C 94 17.91 14.39 16.91
N HIS C 95 18.98 14.87 17.56
CA HIS C 95 19.87 15.82 16.92
C HIS C 95 20.42 15.29 15.59
N HIS C 96 20.76 14.00 15.53
CA HIS C 96 21.36 13.47 14.31
C HIS C 96 20.35 13.42 13.17
N TYR C 97 19.08 13.09 13.46
CA TYR C 97 18.07 13.09 12.41
C TYR C 97 17.91 14.49 11.84
N ARG C 98 17.88 15.50 12.70
CA ARG C 98 17.71 16.87 12.23
C ARG C 98 18.91 17.33 11.42
N GLU C 99 20.12 16.96 11.85
CA GLU C 99 21.33 17.30 11.11
C GLU C 99 21.31 16.70 9.71
N GLN C 100 20.92 15.43 9.60
CA GLN C 100 20.85 14.79 8.30
C GLN C 100 19.89 15.53 7.38
N ILE C 101 18.72 15.91 7.89
CA ILE C 101 17.72 16.59 7.05
C ILE C 101 18.24 17.93 6.56
N LYS C 102 18.82 18.71 7.47
CA LYS C 102 19.40 20.00 7.09
C LYS C 102 20.51 19.82 6.06
N ARG C 103 21.31 18.76 6.23
N ARG C 103 21.33 18.78 6.24
CA ARG C 103 22.43 18.52 5.31
CA ARG C 103 22.42 18.52 5.31
C ARG C 103 21.93 18.11 3.93
C ARG C 103 21.89 18.15 3.92
N VAL C 104 21.00 17.15 3.88
CA VAL C 104 20.51 16.65 2.60
C VAL C 104 19.73 17.72 1.85
N LYS C 105 18.95 18.52 2.57
CA LYS C 105 18.13 19.54 1.91
C LYS C 105 18.82 20.90 1.81
N ASP C 106 20.08 21.00 2.24
CA ASP C 106 20.88 22.21 2.08
C ASP C 106 20.13 23.44 2.62
N SER C 107 19.68 23.33 3.87
CA SER C 107 18.86 24.38 4.45
C SER C 107 18.87 24.28 5.97
N GLU C 108 18.94 25.43 6.63
CA GLU C 108 18.78 25.47 8.07
C GLU C 108 17.32 25.60 8.51
N ASP C 109 16.40 25.82 7.57
CA ASP C 109 14.97 26.05 7.86
C ASP C 109 14.14 25.05 7.07
N VAL C 110 14.04 23.83 7.60
CA VAL C 110 13.20 22.79 7.01
C VAL C 110 12.04 22.55 7.96
N PRO C 111 10.81 22.42 7.47
CA PRO C 111 9.66 22.21 8.37
C PRO C 111 9.81 20.92 9.18
N MET C 112 9.72 21.05 10.50
CA MET C 112 9.90 19.95 11.43
C MET C 112 9.05 20.16 12.66
N VAL C 113 8.68 19.04 13.30
CA VAL C 113 7.99 19.05 14.59
C VAL C 113 8.66 18.01 15.47
N LEU C 114 8.97 18.39 16.70
CA LEU C 114 9.46 17.43 17.68
C LEU C 114 8.27 16.74 18.35
N VAL C 115 8.28 15.41 18.37
CA VAL C 115 7.17 14.63 18.91
C VAL C 115 7.69 13.75 20.04
N GLY C 116 7.13 13.95 21.24
CA GLY C 116 7.45 13.13 22.39
C GLY C 116 6.33 12.14 22.65
N ASN C 117 6.51 10.90 22.18
CA ASN C 117 5.47 9.89 22.17
C ASN C 117 5.55 9.01 23.42
N LYS C 118 4.52 8.17 23.59
CA LYS C 118 4.36 7.27 24.74
C LYS C 118 4.08 8.03 26.03
N SER C 119 3.39 9.17 25.92
CA SER C 119 3.10 10.00 27.08
CA SER C 119 3.09 10.01 27.08
C SER C 119 2.17 9.32 28.08
N ASP C 120 1.53 8.23 27.70
CA ASP C 120 0.68 7.47 28.62
C ASP C 120 1.47 6.63 29.62
N LEU C 121 2.76 6.46 29.41
CA LEU C 121 3.46 5.47 30.20
C LEU C 121 3.99 6.07 31.50
N PRO C 122 4.12 5.25 32.55
CA PRO C 122 4.61 5.74 33.84
C PRO C 122 6.12 5.76 33.99
N SER C 123 6.86 5.45 32.93
CA SER C 123 8.30 5.19 33.02
C SER C 123 9.13 6.32 32.41
N ARG C 124 8.66 7.56 32.54
CA ARG C 124 9.30 8.70 31.90
C ARG C 124 10.75 8.83 32.31
N THR C 125 11.62 9.06 31.33
CA THR C 125 13.01 9.43 31.58
C THR C 125 13.38 10.80 31.01
N VAL C 126 12.59 11.34 30.09
CA VAL C 126 12.83 12.65 29.47
C VAL C 126 11.79 13.63 29.99
N ASP C 127 12.24 14.67 30.68
CA ASP C 127 11.32 15.67 31.20
C ASP C 127 10.75 16.52 30.06
N THR C 128 9.50 16.94 30.22
CA THR C 128 8.88 17.83 29.24
C THR C 128 9.72 19.08 29.01
N LYS C 129 10.23 19.68 30.10
CA LYS C 129 11.08 20.87 29.95
C LYS C 129 12.28 20.60 29.05
N GLN C 130 12.90 19.42 29.18
CA GLN C 130 14.00 19.07 28.29
C GLN C 130 13.59 19.14 26.84
N ALA C 131 12.43 18.57 26.51
CA ALA C 131 11.99 18.53 25.12
C ALA C 131 11.58 19.91 24.63
N GLN C 132 10.92 20.69 25.51
CA GLN C 132 10.52 22.04 25.11
C GLN C 132 11.74 22.91 24.85
N ASP C 133 12.76 22.79 25.69
CA ASP C 133 14.01 23.52 25.50
C ASP C 133 14.66 23.12 24.18
N LEU C 134 14.67 21.82 23.86
CA LEU C 134 15.26 21.39 22.60
C LEU C 134 14.50 21.98 21.42
N ALA C 135 13.17 21.86 21.43
CA ALA C 135 12.36 22.42 20.35
C ALA C 135 12.58 23.92 20.21
N ARG C 136 12.67 24.64 21.34
CA ARG C 136 12.89 26.08 21.25
C ARG C 136 14.23 26.39 20.61
N SER C 137 15.25 25.57 20.90
CA SER C 137 16.56 25.80 20.29
C SER C 137 16.53 25.55 18.79
N TYR C 138 15.59 24.73 18.32
CA TYR C 138 15.41 24.45 16.90
C TYR C 138 14.44 25.42 16.24
N GLY C 139 13.68 26.20 17.02
CA GLY C 139 12.62 27.01 16.45
C GLY C 139 11.46 26.23 15.87
N ILE C 140 11.14 25.08 16.46
CA ILE C 140 10.08 24.21 15.95
C ILE C 140 9.13 23.89 17.09
N PRO C 141 7.90 23.46 16.77
CA PRO C 141 6.96 23.08 17.83
C PRO C 141 7.31 21.73 18.45
N PHE C 142 6.91 21.59 19.72
CA PHE C 142 6.95 20.32 20.44
C PHE C 142 5.53 19.88 20.77
N ILE C 143 5.21 18.63 20.43
CA ILE C 143 3.89 18.04 20.65
C ILE C 143 4.07 16.75 21.44
N GLU C 144 3.38 16.64 22.57
CA GLU C 144 3.35 15.40 23.34
C GLU C 144 2.24 14.51 22.79
N THR C 145 2.58 13.25 22.53
CA THR C 145 1.62 12.34 21.92
C THR C 145 1.55 11.03 22.69
N SER C 146 0.43 10.34 22.53
CA SER C 146 0.33 8.92 22.86
C SER C 146 -0.42 8.23 21.74
N ALA C 147 0.26 7.36 21.00
CA ALA C 147 -0.44 6.56 20.01
C ALA C 147 -1.45 5.63 20.64
N LYS C 148 -1.23 5.24 21.90
CA LYS C 148 -2.13 4.31 22.56
C LYS C 148 -3.48 4.95 22.83
N THR C 149 -3.48 6.17 23.39
CA THR C 149 -4.71 6.88 23.72
C THR C 149 -5.18 7.80 22.61
N ARG C 150 -4.36 8.01 21.58
CA ARG C 150 -4.55 8.91 20.45
C ARG C 150 -4.37 10.37 20.83
N GLN C 151 -3.93 10.65 22.06
CA GLN C 151 -3.62 12.02 22.45
C GLN C 151 -2.55 12.64 21.54
N GLY C 152 -2.87 13.80 20.99
CA GLY C 152 -1.92 14.59 20.23
C GLY C 152 -1.59 14.07 18.85
N VAL C 153 -2.19 12.96 18.42
CA VAL C 153 -1.84 12.38 17.13
C VAL C 153 -2.20 13.34 15.99
N ASP C 154 -3.46 13.75 15.91
CA ASP C 154 -3.85 14.73 14.90
C ASP C 154 -3.00 15.99 15.04
N ASP C 155 -2.81 16.46 16.26
CA ASP C 155 -2.05 17.68 16.51
C ASP C 155 -0.65 17.61 15.91
N ALA C 156 0.02 16.46 16.04
CA ALA C 156 1.38 16.33 15.53
C ALA C 156 1.43 16.49 14.02
N PHE C 157 0.58 15.76 13.30
CA PHE C 157 0.59 15.84 11.84
C PHE C 157 0.04 17.17 11.35
N TYR C 158 -1.01 17.71 12.00
CA TYR C 158 -1.58 18.98 11.55
C TYR C 158 -0.61 20.13 11.75
N THR C 159 0.09 20.13 12.89
CA THR C 159 1.10 21.14 13.15
C THR C 159 2.23 21.09 12.12
N LEU C 160 2.65 19.88 11.72
CA LEU C 160 3.67 19.78 10.68
C LEU C 160 3.18 20.39 9.38
N VAL C 161 1.92 20.14 9.03
CA VAL C 161 1.33 20.77 7.84
C VAL C 161 1.36 22.29 7.98
N ARG C 162 1.00 22.82 9.16
CA ARG C 162 1.06 24.26 9.37
C ARG C 162 2.47 24.78 9.20
N GLU C 163 3.47 24.04 9.70
CA GLU C 163 4.86 24.48 9.54
C GLU C 163 5.26 24.53 8.07
N ILE C 164 4.83 23.54 7.27
CA ILE C 164 5.13 23.57 5.84
C ILE C 164 4.48 24.77 5.18
N ARG C 165 3.22 25.04 5.53
CA ARG C 165 2.53 26.19 4.93
C ARG C 165 3.20 27.49 5.32
N LYS C 166 3.61 27.62 6.60
CA LYS C 166 4.37 28.79 7.04
C LYS C 166 5.67 28.92 6.27
N HIS C 167 6.38 27.81 6.08
CA HIS C 167 7.66 27.86 5.36
C HIS C 167 7.46 28.30 3.92
N LYS C 168 6.35 27.91 3.31
CA LYS C 168 6.08 28.29 1.92
C LYS C 168 5.82 29.78 1.77
N GLU C 169 5.40 30.46 2.85
CA GLU C 169 5.13 31.89 2.79
C GLU C 169 6.40 32.73 2.65
N LYS C 170 7.54 32.21 3.10
CA LYS C 170 8.77 32.97 3.11
C LYS C 170 9.26 33.32 1.71
N SER D 1 30.23 -32.70 3.17
CA SER D 1 31.43 -32.28 3.87
C SER D 1 31.89 -33.34 4.85
N MET D 2 33.21 -33.45 5.02
CA MET D 2 33.79 -34.34 6.01
C MET D 2 33.82 -33.72 7.40
N VAL D 3 33.68 -32.40 7.52
CA VAL D 3 33.76 -31.71 8.80
C VAL D 3 32.48 -30.92 9.11
N ASN D 4 31.85 -30.32 8.10
CA ASN D 4 30.76 -29.38 8.36
C ASN D 4 29.41 -30.10 8.32
N PRO D 5 28.54 -29.85 9.30
CA PRO D 5 27.21 -30.49 9.28
C PRO D 5 26.32 -29.94 8.18
N THR D 6 25.42 -30.78 7.71
CA THR D 6 24.36 -30.40 6.78
C THR D 6 23.02 -30.47 7.48
N VAL D 7 22.22 -29.40 7.38
CA VAL D 7 20.87 -29.40 7.90
C VAL D 7 19.94 -29.04 6.76
N PHE D 8 18.65 -29.32 6.94
CA PHE D 8 17.67 -29.05 5.90
C PHE D 8 16.46 -28.36 6.49
N PHE D 9 15.82 -27.54 5.65
CA PHE D 9 14.48 -27.02 5.87
C PHE D 9 13.55 -27.57 4.78
N ASP D 10 12.40 -28.12 5.20
CA ASP D 10 11.31 -28.36 4.26
C ASP D 10 10.40 -27.16 4.31
N ILE D 11 10.40 -26.37 3.23
CA ILE D 11 9.70 -25.10 3.16
C ILE D 11 8.27 -25.33 2.70
N ALA D 12 7.32 -24.59 3.30
CA ALA D 12 5.92 -24.72 2.94
C ALA D 12 5.32 -23.36 2.63
N VAL D 13 4.32 -23.35 1.75
CA VAL D 13 3.57 -22.17 1.39
C VAL D 13 2.11 -22.44 1.76
N ASP D 14 1.60 -21.69 2.75
CA ASP D 14 0.30 -21.92 3.34
C ASP D 14 0.09 -23.41 3.61
N GLY D 15 1.12 -24.06 4.16
CA GLY D 15 1.08 -25.44 4.53
C GLY D 15 1.49 -26.43 3.45
N GLU D 16 1.51 -25.98 2.15
CA GLU D 16 1.83 -26.89 1.06
C GLU D 16 3.33 -26.97 0.84
N PRO D 17 3.88 -28.17 0.70
CA PRO D 17 5.33 -28.30 0.51
C PRO D 17 5.78 -27.58 -0.77
N LEU D 18 6.81 -26.76 -0.64
CA LEU D 18 7.45 -26.09 -1.76
C LEU D 18 8.70 -26.82 -2.22
N GLY D 19 9.51 -27.30 -1.29
CA GLY D 19 10.76 -27.96 -1.60
C GLY D 19 11.67 -27.98 -0.40
N ARG D 20 12.79 -28.67 -0.56
CA ARG D 20 13.78 -28.78 0.51
C ARG D 20 14.98 -27.90 0.19
N VAL D 21 15.44 -27.16 1.20
CA VAL D 21 16.69 -26.42 1.14
C VAL D 21 17.63 -27.05 2.14
N SER D 22 18.84 -27.39 1.71
CA SER D 22 19.86 -27.88 2.62
C SER D 22 20.98 -26.85 2.72
N PHE D 23 21.63 -26.85 3.88
CA PHE D 23 22.67 -25.87 4.20
C PHE D 23 23.91 -26.59 4.69
N GLU D 24 25.07 -26.17 4.18
CA GLU D 24 26.32 -26.50 4.85
C GLU D 24 26.57 -25.45 5.91
N LEU D 25 26.78 -25.89 7.16
CA LEU D 25 27.07 -24.99 8.27
C LEU D 25 28.58 -25.00 8.51
N PHE D 26 29.20 -23.83 8.46
CA PHE D 26 30.66 -23.73 8.44
C PHE D 26 31.23 -23.84 9.86
N ALA D 27 31.02 -25.02 10.47
CA ALA D 27 31.52 -25.24 11.82
C ALA D 27 33.04 -25.20 11.87
N ASP D 28 33.71 -25.47 10.74
CA ASP D 28 35.16 -25.42 10.72
C ASP D 28 35.69 -24.01 10.97
N LYS D 29 34.95 -22.99 10.58
CA LYS D 29 35.39 -21.61 10.74
C LYS D 29 34.55 -20.80 11.73
N VAL D 30 33.30 -21.17 11.96
CA VAL D 30 32.38 -20.41 12.80
C VAL D 30 31.67 -21.39 13.74
N PRO D 31 32.39 -22.11 14.60
CA PRO D 31 31.76 -23.26 15.26
C PRO D 31 30.60 -22.92 16.20
N LYS D 32 30.72 -21.88 17.02
CA LYS D 32 29.64 -21.62 17.98
C LYS D 32 28.36 -21.24 17.26
N THR D 33 28.50 -20.43 16.21
CA THR D 33 27.33 -19.98 15.46
C THR D 33 26.73 -21.12 14.65
N ALA D 34 27.58 -21.93 14.04
CA ALA D 34 27.10 -23.10 13.31
C ALA D 34 26.37 -24.04 14.24
N GLU D 35 26.93 -24.27 15.44
CA GLU D 35 26.33 -25.23 16.36
C GLU D 35 24.95 -24.75 16.81
N ASN D 36 24.80 -23.45 17.08
CA ASN D 36 23.48 -22.90 17.40
C ASN D 36 22.47 -23.23 16.31
N PHE D 37 22.81 -22.93 15.06
CA PHE D 37 21.87 -23.20 13.97
C PHE D 37 21.60 -24.69 13.83
N ARG D 38 22.63 -25.53 13.95
CA ARG D 38 22.43 -26.97 13.86
C ARG D 38 21.43 -27.44 14.90
N ALA D 39 21.65 -27.07 16.17
CA ALA D 39 20.79 -27.55 17.25
C ALA D 39 19.36 -27.01 17.10
N LEU D 40 19.22 -25.76 16.66
CA LEU D 40 17.87 -25.22 16.46
C LEU D 40 17.17 -25.94 15.32
N SER D 41 17.94 -26.47 14.36
CA SER D 41 17.35 -27.22 13.26
C SER D 41 16.95 -28.64 13.65
N THR D 42 17.65 -29.29 14.58
CA THR D 42 17.19 -30.60 15.07
C THR D 42 16.12 -30.47 16.14
N GLY D 43 16.03 -29.31 16.78
CA GLY D 43 15.19 -29.12 17.94
C GLY D 43 15.62 -29.89 19.16
N GLU D 44 16.87 -30.35 19.21
CA GLU D 44 17.29 -31.28 20.26
C GLU D 44 17.32 -30.64 21.63
N LYS D 45 17.31 -29.31 21.71
CA LYS D 45 17.29 -28.62 22.99
C LYS D 45 15.88 -28.41 23.52
N GLY D 46 14.86 -28.80 22.75
CA GLY D 46 13.49 -28.63 23.17
C GLY D 46 12.79 -27.46 22.53
N PHE D 47 13.45 -26.77 21.60
CA PHE D 47 12.89 -25.64 20.89
C PHE D 47 13.69 -25.46 19.61
N GLY D 48 13.16 -24.68 18.69
CA GLY D 48 13.91 -24.43 17.47
C GLY D 48 13.01 -23.99 16.33
N TYR D 49 13.54 -24.18 15.12
CA TYR D 49 12.97 -23.60 13.90
C TYR D 49 11.70 -24.27 13.40
N LYS D 50 11.46 -25.54 13.75
CA LYS D 50 10.34 -26.25 13.14
C LYS D 50 9.03 -25.55 13.43
N GLY D 51 8.34 -25.17 12.35
CA GLY D 51 7.07 -24.47 12.43
C GLY D 51 7.16 -22.97 12.28
N SER D 52 8.36 -22.39 12.36
CA SER D 52 8.50 -20.95 12.33
C SER D 52 8.43 -20.43 10.89
N CYS D 53 8.42 -19.11 10.77
CA CYS D 53 8.02 -18.41 9.57
C CYS D 53 9.19 -17.63 8.96
N PHE D 54 9.26 -17.58 7.63
CA PHE D 54 10.08 -16.57 6.95
C PHE D 54 9.23 -15.30 6.87
N HIS D 55 9.39 -14.43 7.86
CA HIS D 55 8.49 -13.29 8.00
C HIS D 55 8.85 -12.12 7.09
N ARG D 56 10.08 -12.07 6.57
CA ARG D 56 10.52 -10.91 5.80
C ARG D 56 11.27 -11.43 4.57
N ILE D 57 10.68 -11.24 3.40
CA ILE D 57 11.25 -11.71 2.15
C ILE D 57 11.28 -10.53 1.20
N ILE D 58 12.48 -10.06 0.87
CA ILE D 58 12.58 -8.90 -0.03
C ILE D 58 13.29 -9.34 -1.30
N PRO D 59 12.58 -9.38 -2.42
CA PRO D 59 13.20 -9.83 -3.67
C PRO D 59 14.43 -9.01 -4.01
N GLY D 60 15.47 -9.70 -4.46
CA GLY D 60 16.73 -9.08 -4.81
C GLY D 60 17.70 -8.94 -3.66
N PHE D 61 17.29 -9.32 -2.44
CA PHE D 61 18.11 -9.16 -1.24
C PHE D 61 18.18 -10.44 -0.41
N MET D 62 17.10 -10.81 0.29
CA MET D 62 17.21 -11.93 1.22
C MET D 62 15.85 -12.47 1.63
N CYS D 63 15.88 -13.69 2.19
CA CYS D 63 14.76 -14.31 2.89
C CYS D 63 15.16 -14.44 4.36
N GLN D 64 14.41 -13.78 5.25
CA GLN D 64 14.72 -13.75 6.69
C GLN D 64 13.66 -14.51 7.48
N GLY D 65 14.10 -15.27 8.46
CA GLY D 65 13.19 -15.97 9.34
C GLY D 65 13.83 -16.30 10.67
N GLY D 66 13.22 -17.25 11.36
CA GLY D 66 13.80 -17.79 12.59
C GLY D 66 13.22 -17.32 13.91
N ASP D 67 12.15 -16.53 13.94
CA ASP D 67 11.58 -16.08 15.21
C ASP D 67 10.54 -17.10 15.67
N PHE D 68 10.96 -18.02 16.53
CA PHE D 68 10.06 -19.04 17.05
C PHE D 68 9.57 -18.73 18.46
N THR D 69 9.90 -17.56 19.01
CA THR D 69 9.45 -17.23 20.36
C THR D 69 8.34 -16.20 20.35
N ARG D 70 8.47 -15.12 19.58
CA ARG D 70 7.40 -14.13 19.48
C ARG D 70 6.57 -14.29 18.21
N HIS D 71 7.09 -14.98 17.20
CA HIS D 71 6.37 -15.29 15.98
C HIS D 71 5.95 -14.03 15.23
N ASN D 72 6.73 -12.94 15.38
CA ASN D 72 6.36 -11.68 14.74
C ASN D 72 7.56 -10.91 14.20
N GLY D 73 8.75 -11.50 14.14
CA GLY D 73 9.92 -10.84 13.63
C GLY D 73 10.74 -10.08 14.66
N THR D 74 10.30 -10.04 15.92
CA THR D 74 11.06 -9.36 16.96
C THR D 74 11.80 -10.31 17.87
N GLY D 75 11.51 -11.60 17.82
CA GLY D 75 12.01 -12.50 18.84
C GLY D 75 13.01 -13.53 18.37
N GLY D 76 13.06 -14.65 19.09
CA GLY D 76 14.05 -15.68 18.87
C GLY D 76 15.01 -15.79 20.05
N LYS D 77 15.76 -16.88 20.05
CA LYS D 77 16.68 -17.14 21.16
C LYS D 77 17.65 -18.21 20.73
N SER D 78 18.84 -18.19 21.31
CA SER D 78 19.89 -19.12 20.95
C SER D 78 19.94 -20.25 21.96
N ILE D 79 20.74 -21.28 21.64
CA ILE D 79 20.94 -22.36 22.60
C ILE D 79 21.83 -21.92 23.75
N TYR D 80 22.42 -20.73 23.66
CA TYR D 80 23.31 -20.20 24.70
C TYR D 80 22.62 -19.19 25.60
N GLY D 81 21.34 -18.90 25.37
CA GLY D 81 20.65 -17.83 26.05
C GLY D 81 19.95 -16.95 25.04
N GLU D 82 19.41 -15.83 25.52
CA GLU D 82 18.62 -14.98 24.62
C GLU D 82 19.49 -14.40 23.51
N LYS D 83 20.74 -14.07 23.81
CA LYS D 83 21.63 -13.52 22.80
C LYS D 83 23.05 -14.04 23.01
N PHE D 84 23.84 -14.05 21.94
CA PHE D 84 25.25 -14.34 22.07
C PHE D 84 26.07 -13.45 21.14
N GLU D 85 27.36 -13.35 21.44
CA GLU D 85 28.19 -12.34 20.82
C GLU D 85 28.52 -12.73 19.38
N ASP D 86 28.91 -11.71 18.60
CA ASP D 86 29.43 -11.96 17.26
C ASP D 86 30.72 -12.76 17.32
N GLU D 87 30.68 -13.97 16.75
CA GLU D 87 31.78 -14.92 16.92
C GLU D 87 33.00 -14.49 16.13
N ASN D 88 32.84 -14.20 14.84
CA ASN D 88 33.91 -13.68 14.01
C ASN D 88 33.29 -13.17 12.73
N PHE D 89 34.09 -12.48 11.93
CA PHE D 89 33.66 -11.99 10.62
C PHE D 89 34.59 -12.51 9.54
N ILE D 90 35.02 -13.76 9.69
CA ILE D 90 35.93 -14.38 8.73
C ILE D 90 35.28 -14.46 7.35
N LEU D 91 33.99 -14.80 7.29
CA LEU D 91 33.32 -14.96 6.02
C LEU D 91 32.47 -13.74 5.68
N LYS D 92 32.35 -13.49 4.39
CA LYS D 92 31.65 -12.31 3.90
C LYS D 92 30.39 -12.70 3.14
N HIS D 93 29.57 -11.68 2.85
CA HIS D 93 28.31 -11.86 2.12
C HIS D 93 28.60 -11.74 0.62
N THR D 94 29.02 -12.87 0.05
CA THR D 94 29.63 -12.87 -1.27
C THR D 94 28.68 -13.15 -2.41
N GLY D 95 27.43 -13.52 -2.14
CA GLY D 95 26.50 -13.82 -3.21
C GLY D 95 25.31 -14.64 -2.75
N PRO D 96 24.51 -15.11 -3.71
CA PRO D 96 23.30 -15.87 -3.36
C PRO D 96 23.63 -17.15 -2.61
N GLY D 97 22.77 -17.49 -1.66
CA GLY D 97 22.91 -18.70 -0.89
C GLY D 97 23.61 -18.53 0.44
N ILE D 98 24.27 -17.39 0.67
CA ILE D 98 24.97 -17.17 1.92
C ILE D 98 23.97 -17.16 3.06
N LEU D 99 24.28 -17.91 4.13
CA LEU D 99 23.47 -17.98 5.33
C LEU D 99 24.18 -17.21 6.44
N SER D 100 23.47 -16.25 7.04
CA SER D 100 24.05 -15.26 7.94
C SER D 100 23.06 -14.93 9.06
N MET D 101 23.58 -14.47 10.19
CA MET D 101 22.75 -14.17 11.37
C MET D 101 22.11 -12.80 11.25
N ALA D 102 20.80 -12.75 11.47
CA ALA D 102 20.14 -11.47 11.69
C ALA D 102 20.50 -10.94 13.07
N ASN D 103 20.40 -9.62 13.25
CA ASN D 103 20.68 -9.07 14.58
C ASN D 103 20.11 -7.66 14.69
N ALA D 104 20.13 -7.15 15.93
CA ALA D 104 19.71 -5.78 16.23
C ALA D 104 20.88 -4.93 16.70
N GLY D 105 22.06 -5.17 16.10
CA GLY D 105 23.27 -4.48 16.46
C GLY D 105 24.29 -5.44 17.02
N PRO D 106 25.42 -4.90 17.49
CA PRO D 106 26.53 -5.75 17.94
C PRO D 106 26.11 -6.74 19.02
N ASN D 107 26.51 -8.00 18.83
CA ASN D 107 26.43 -9.02 19.88
C ASN D 107 24.99 -9.25 20.34
N THR D 108 24.08 -9.39 19.37
CA THR D 108 22.68 -9.68 19.66
C THR D 108 22.16 -10.86 18.83
N ASN D 109 23.02 -11.80 18.50
CA ASN D 109 22.60 -13.01 17.81
C ASN D 109 21.66 -13.83 18.68
N GLY D 110 20.59 -14.33 18.07
CA GLY D 110 19.64 -15.18 18.78
C GLY D 110 19.36 -16.40 17.92
N SER D 111 18.24 -16.37 17.21
CA SER D 111 17.93 -17.42 16.25
C SER D 111 17.63 -16.88 14.87
N GLN D 112 17.28 -15.61 14.72
CA GLN D 112 16.91 -15.13 13.39
C GLN D 112 18.12 -15.13 12.46
N PHE D 113 17.87 -15.46 11.20
CA PHE D 113 18.89 -15.68 10.20
C PHE D 113 18.35 -15.14 8.89
N PHE D 114 19.22 -15.01 7.90
CA PHE D 114 18.73 -14.71 6.55
C PHE D 114 19.55 -15.46 5.52
N ILE D 115 18.90 -15.71 4.37
CA ILE D 115 19.51 -16.35 3.22
C ILE D 115 19.63 -15.30 2.13
N CYS D 116 20.85 -14.99 1.71
CA CYS D 116 21.04 -14.01 0.66
C CYS D 116 20.56 -14.54 -0.68
N THR D 117 19.91 -13.68 -1.45
CA THR D 117 19.62 -13.97 -2.85
C THR D 117 20.45 -13.11 -3.78
N ALA D 118 21.34 -12.29 -3.22
CA ALA D 118 22.31 -11.48 -3.95
C ALA D 118 23.47 -11.21 -3.01
N LYS D 119 24.56 -10.71 -3.57
CA LYS D 119 25.65 -10.22 -2.74
C LYS D 119 25.15 -9.06 -1.87
N THR D 120 25.46 -9.10 -0.57
CA THR D 120 25.04 -8.03 0.35
C THR D 120 26.25 -7.54 1.13
N GLU D 121 27.22 -6.98 0.40
CA GLU D 121 28.53 -6.69 0.96
C GLU D 121 28.47 -5.64 2.06
N TRP D 122 27.43 -4.81 2.09
CA TRP D 122 27.33 -3.78 3.11
C TRP D 122 27.08 -4.36 4.49
N LEU D 123 26.67 -5.63 4.59
CA LEU D 123 26.51 -6.31 5.87
C LEU D 123 27.79 -6.95 6.38
N ASP D 124 28.86 -6.95 5.57
CA ASP D 124 30.13 -7.52 6.01
C ASP D 124 30.61 -6.83 7.26
N GLY D 125 31.03 -7.62 8.24
CA GLY D 125 31.56 -7.09 9.47
C GLY D 125 30.51 -6.69 10.48
N LYS D 126 29.23 -6.77 10.11
CA LYS D 126 28.12 -6.48 11.00
C LYS D 126 27.22 -7.68 11.27
N HIS D 127 27.14 -8.62 10.33
CA HIS D 127 26.39 -9.86 10.49
C HIS D 127 27.32 -11.05 10.31
N VAL D 128 27.20 -12.05 11.19
CA VAL D 128 28.10 -13.21 11.16
C VAL D 128 27.61 -14.22 10.11
N VAL D 129 28.41 -14.40 9.06
CA VAL D 129 28.15 -15.41 8.04
C VAL D 129 28.63 -16.76 8.54
N PHE D 130 27.80 -17.80 8.40
CA PHE D 130 28.16 -19.08 9.01
C PHE D 130 27.75 -20.30 8.20
N GLY D 131 27.17 -20.13 7.01
CA GLY D 131 26.81 -21.29 6.21
C GLY D 131 26.43 -20.84 4.83
N LYS D 132 25.99 -21.81 4.02
CA LYS D 132 25.58 -21.52 2.66
C LYS D 132 24.63 -22.62 2.20
N VAL D 133 23.65 -22.22 1.37
CA VAL D 133 22.77 -23.20 0.73
C VAL D 133 23.61 -24.21 -0.03
N LYS D 134 23.32 -25.48 0.21
CA LYS D 134 23.96 -26.60 -0.47
C LYS D 134 23.10 -27.06 -1.65
N GLU D 135 21.91 -27.55 -1.38
CA GLU D 135 20.94 -27.86 -2.42
C GLU D 135 19.65 -27.09 -2.18
N GLY D 136 18.91 -26.87 -3.26
CA GLY D 136 17.63 -26.19 -3.18
C GLY D 136 17.65 -24.69 -3.35
N MET D 137 18.67 -24.13 -3.99
CA MET D 137 18.64 -22.68 -4.23
C MET D 137 17.44 -22.29 -5.09
N ASN D 138 17.00 -23.19 -5.99
CA ASN D 138 15.80 -22.90 -6.76
C ASN D 138 14.59 -22.76 -5.86
N ILE D 139 14.58 -23.46 -4.72
CA ILE D 139 13.48 -23.32 -3.76
C ILE D 139 13.54 -21.96 -3.08
N VAL D 140 14.75 -21.51 -2.75
CA VAL D 140 14.92 -20.17 -2.17
C VAL D 140 14.45 -19.13 -3.17
N GLU D 141 14.83 -19.29 -4.45
CA GLU D 141 14.37 -18.36 -5.48
C GLU D 141 12.84 -18.38 -5.59
N ALA D 142 12.23 -19.56 -5.41
CA ALA D 142 10.77 -19.63 -5.44
C ALA D 142 10.15 -18.91 -4.24
N MET D 143 10.77 -19.03 -3.06
CA MET D 143 10.30 -18.29 -1.89
C MET D 143 10.39 -16.80 -2.13
N GLU D 144 11.51 -16.37 -2.70
CA GLU D 144 11.76 -14.96 -2.93
C GLU D 144 10.59 -14.29 -3.65
N ARG D 145 9.90 -15.03 -4.52
CA ARG D 145 8.83 -14.48 -5.32
C ARG D 145 7.56 -14.20 -4.51
N PHE D 146 7.43 -14.74 -3.29
CA PHE D 146 6.31 -14.42 -2.43
C PHE D 146 6.54 -13.17 -1.59
N GLY D 147 7.68 -12.52 -1.74
CA GLY D 147 8.01 -11.35 -0.96
C GLY D 147 7.53 -10.07 -1.61
N SER D 148 7.97 -8.95 -1.04
CA SER D 148 7.59 -7.63 -1.51
C SER D 148 8.65 -6.64 -1.06
N ARG D 149 8.47 -5.38 -1.48
CA ARG D 149 9.48 -4.37 -1.22
C ARG D 149 9.72 -4.14 0.27
N ASN D 150 8.67 -4.21 1.09
CA ASN D 150 8.81 -4.01 2.52
C ASN D 150 8.94 -5.33 3.28
N GLY D 151 9.09 -6.45 2.57
CA GLY D 151 9.29 -7.74 3.20
C GLY D 151 8.05 -8.53 3.49
N LYS D 152 6.87 -7.91 3.42
CA LYS D 152 5.65 -8.63 3.70
C LYS D 152 5.40 -9.69 2.63
N THR D 153 5.02 -10.89 3.07
CA THR D 153 4.80 -11.99 2.15
C THR D 153 3.32 -12.13 1.81
N SER D 154 3.05 -12.53 0.56
CA SER D 154 1.67 -12.63 0.09
C SER D 154 1.02 -13.95 0.51
N LYS D 155 1.81 -14.96 0.81
CA LYS D 155 1.35 -16.19 1.45
C LYS D 155 2.35 -16.52 2.55
N LYS D 156 1.91 -17.32 3.51
CA LYS D 156 2.76 -17.62 4.67
C LYS D 156 3.78 -18.71 4.34
N ILE D 157 5.05 -18.36 4.49
CA ILE D 157 6.17 -19.25 4.17
C ILE D 157 6.72 -19.77 5.50
N THR D 158 6.68 -21.09 5.69
CA THR D 158 7.09 -21.68 6.96
C THR D 158 8.13 -22.78 6.76
N ILE D 159 8.82 -23.10 7.85
CA ILE D 159 9.70 -24.27 7.94
C ILE D 159 8.82 -25.40 8.46
N ALA D 160 8.25 -26.18 7.53
CA ALA D 160 7.33 -27.23 7.93
C ALA D 160 8.06 -28.37 8.64
N ASP D 161 9.30 -28.63 8.25
CA ASP D 161 10.12 -29.62 8.93
C ASP D 161 11.57 -29.19 8.78
N CYS D 162 12.42 -29.72 9.66
CA CYS D 162 13.84 -29.40 9.61
C CYS D 162 14.59 -30.42 10.46
N GLY D 163 15.88 -30.53 10.17
CA GLY D 163 16.69 -31.51 10.87
C GLY D 163 18.09 -31.55 10.27
N GLN D 164 18.84 -32.58 10.66
CA GLN D 164 20.22 -32.75 10.22
C GLN D 164 20.34 -33.97 9.33
N LEU D 165 21.09 -33.83 8.24
CA LEU D 165 21.29 -34.93 7.31
C LEU D 165 22.56 -35.70 7.68
#